data_2X8U
#
_entry.id   2X8U
#
_cell.length_a   99.370
_cell.length_b   99.370
_cell.length_c   72.660
_cell.angle_alpha   90.00
_cell.angle_beta   90.00
_cell.angle_gamma   120.00
#
_symmetry.space_group_name_H-M   'P 31'
#
loop_
_entity.id
_entity.type
_entity.pdbx_description
1 polymer 'SERINE PALMITOYLTRANSFERASE'
2 non-polymer "PYRIDOXAL-5'-PHOSPHATE"
3 water water
#
_entity_poly.entity_id   1
_entity_poly.type   'polypeptide(L)'
_entity_poly.pdbx_seq_one_letter_code
;ADLLSKFDPLIAEREALLATGVRDPYAIVMDKVLSPTEAMINGRKTILLGTYNYMGMTFDPDVIAAGKQALDEFGSGTTG
SRVLNGTYQGHKACEDALKEFYGTEHAIVFSTGYQANLGMISTLAGKGDYIILDADSHASIYDGCWLGDAEIVRFRHNSV
EDLDKRLGRLPAEAGKLVVLEGVYSMMGDIAPLQEMVAVSKKHGAMILVDEAHGMGFFGEHGRGVFEEAGVEADVDFVVG
TFSKSVGTVGGFCVSNHPKFEVLRLVCRPYVFTASLPPSVVATAATSIRKLMHAGDKRAHLWKNSRRLHQGLRDMGYKLG
TETAQSAIIAVILTDMAQAVALWQGLLEAGLYVNTARPPATPAGMFLLRCSLCAEHSDEQVEQILGMFESAGRATGVIPK
LAAALEHHHHHH
;
_entity_poly.pdbx_strand_id   A,B
#
loop_
_chem_comp.id
_chem_comp.type
_chem_comp.name
_chem_comp.formula
PLP non-polymer PYRIDOXAL-5'-PHOSPHATE 'C8 H10 N O6 P'
#
# COMPACT_ATOMS: atom_id res chain seq x y z
N ALA A 1 -2.68 -6.59 31.78
CA ALA A 1 -2.56 -7.22 30.44
C ALA A 1 -3.40 -6.43 29.46
N ASP A 2 -2.89 -6.27 28.23
CA ASP A 2 -3.62 -5.57 27.18
C ASP A 2 -3.38 -6.27 25.84
N LEU A 3 -3.72 -5.61 24.73
CA LEU A 3 -3.64 -6.26 23.42
C LEU A 3 -2.22 -6.55 22.94
N LEU A 4 -1.21 -5.91 23.53
CA LEU A 4 0.20 -6.18 23.16
C LEU A 4 0.87 -7.23 24.06
N SER A 5 0.19 -7.66 25.11
CA SER A 5 0.75 -8.66 26.03
C SER A 5 1.08 -9.99 25.35
N LYS A 6 0.32 -10.33 24.31
CA LYS A 6 0.54 -11.57 23.56
C LYS A 6 1.90 -11.61 22.87
N PHE A 7 2.55 -10.46 22.75
CA PHE A 7 3.90 -10.39 22.17
C PHE A 7 5.02 -10.43 23.22
N ASP A 8 4.68 -10.63 24.49
CA ASP A 8 5.67 -10.62 25.56
C ASP A 8 6.75 -11.69 25.39
N PRO A 9 6.37 -12.93 25.03
CA PRO A 9 7.41 -13.95 24.79
C PRO A 9 8.39 -13.55 23.68
N LEU A 10 7.87 -12.99 22.60
CA LEU A 10 8.72 -12.54 21.49
C LEU A 10 9.65 -11.42 21.94
N ILE A 11 9.10 -10.43 22.64
CA ILE A 11 9.91 -9.32 23.15
C ILE A 11 11.02 -9.85 24.07
N ALA A 12 10.66 -10.75 24.97
CA ALA A 12 11.63 -11.35 25.89
C ALA A 12 12.70 -12.15 25.13
N GLU A 13 12.26 -12.94 24.15
CA GLU A 13 13.18 -13.72 23.32
C GLU A 13 14.16 -12.79 22.59
N ARG A 14 13.65 -11.64 22.14
CA ARG A 14 14.47 -10.68 21.41
C ARG A 14 15.50 -10.00 22.31
N GLU A 15 15.07 -9.58 23.49
CA GLU A 15 15.96 -8.95 24.45
C GLU A 15 17.09 -9.89 24.90
N ALA A 16 16.80 -11.18 24.97
CA ALA A 16 17.79 -12.19 25.36
C ALA A 16 18.81 -12.41 24.25
N LEU A 17 18.35 -12.43 23.01
CA LEU A 17 19.24 -12.49 21.85
C LEU A 17 20.14 -11.26 21.78
N LEU A 18 19.55 -10.08 21.96
CA LEU A 18 20.30 -8.82 21.88
C LEU A 18 21.25 -8.65 23.08
N ALA A 19 20.90 -9.21 24.23
CA ALA A 19 21.74 -9.14 25.43
C ALA A 19 23.13 -9.74 25.22
N THR A 20 23.23 -10.72 24.31
CA THR A 20 24.53 -11.34 24.00
C THR A 20 25.45 -10.45 23.17
N GLY A 21 24.94 -9.30 22.71
CA GLY A 21 25.75 -8.31 21.99
C GLY A 21 25.79 -8.48 20.48
N VAL A 22 25.07 -9.47 19.96
CA VAL A 22 25.04 -9.71 18.52
C VAL A 22 24.37 -8.55 17.79
N ARG A 23 24.78 -8.35 16.55
CA ARG A 23 24.22 -7.30 15.70
C ARG A 23 22.75 -7.62 15.37
N ASP A 24 21.91 -6.59 15.35
CA ASP A 24 20.47 -6.76 15.15
C ASP A 24 20.09 -6.65 13.68
N PRO A 25 19.58 -7.75 13.09
CA PRO A 25 19.21 -7.71 11.68
C PRO A 25 17.96 -6.87 11.37
N TYR A 26 17.21 -6.53 12.40
CA TYR A 26 16.03 -5.65 12.28
C TYR A 26 16.38 -4.18 12.54
N ALA A 27 17.67 -3.85 12.65
CA ALA A 27 18.08 -2.46 12.92
C ALA A 27 19.10 -1.97 11.90
N ILE A 28 19.08 -2.53 10.70
CA ILE A 28 19.97 -2.06 9.64
C ILE A 28 19.38 -0.78 9.04
N VAL A 29 20.17 0.29 9.04
CA VAL A 29 19.77 1.54 8.39
C VAL A 29 20.80 1.92 7.33
N MET A 30 20.33 2.16 6.11
CA MET A 30 21.19 2.67 5.06
C MET A 30 21.31 4.18 5.25
N ASP A 31 22.40 4.59 5.90
CA ASP A 31 22.61 5.99 6.22
C ASP A 31 22.83 6.82 4.95
N LYS A 32 23.54 6.23 3.99
CA LYS A 32 23.80 6.84 2.69
C LYS A 32 23.85 5.74 1.64
N VAL A 33 23.31 6.00 0.46
CA VAL A 33 23.34 5.03 -0.65
C VAL A 33 24.15 5.62 -1.79
N LEU A 34 25.30 5.00 -2.09
CA LEU A 34 26.24 5.51 -3.08
C LEU A 34 25.87 5.10 -4.50
N SER A 35 25.31 3.91 -4.64
CA SER A 35 24.96 3.35 -5.95
C SER A 35 23.96 2.23 -5.72
N PRO A 36 23.49 1.57 -6.79
CA PRO A 36 22.64 0.40 -6.55
C PRO A 36 23.34 -0.70 -5.76
N THR A 37 24.67 -0.72 -5.73
CA THR A 37 25.38 -1.81 -5.08
C THR A 37 26.16 -1.45 -3.80
N GLU A 38 26.09 -0.20 -3.34
CA GLU A 38 26.89 0.24 -2.18
C GLU A 38 26.15 1.25 -1.30
N ALA A 39 26.31 1.10 0.01
CA ALA A 39 25.70 1.98 1.00
C ALA A 39 26.57 2.07 2.24
N MET A 40 26.39 3.15 3.01
CA MET A 40 27.05 3.29 4.29
C MET A 40 26.11 2.77 5.39
N ILE A 41 26.56 1.77 6.14
CA ILE A 41 25.82 1.20 7.25
C ILE A 41 26.68 1.27 8.52
N ASN A 42 26.20 1.98 9.53
CA ASN A 42 26.92 2.14 10.79
C ASN A 42 28.36 2.63 10.58
N GLY A 43 28.54 3.54 9.63
CA GLY A 43 29.85 4.09 9.33
C GLY A 43 30.72 3.28 8.38
N ARG A 44 30.22 2.14 7.90
CA ARG A 44 31.03 1.25 7.05
C ARG A 44 30.49 1.15 5.63
N LYS A 45 31.39 1.31 4.66
CA LYS A 45 31.03 1.20 3.25
C LYS A 45 30.79 -0.27 2.95
N THR A 46 29.62 -0.57 2.41
CA THR A 46 29.12 -1.93 2.39
C THR A 46 28.56 -2.27 1.01
N ILE A 47 28.97 -3.42 0.47
CA ILE A 47 28.38 -3.90 -0.77
C ILE A 47 27.02 -4.50 -0.44
N LEU A 48 26.00 -4.07 -1.19
CA LEU A 48 24.64 -4.56 -0.99
C LEU A 48 24.40 -5.81 -1.83
N LEU A 49 24.11 -6.92 -1.16
CA LEU A 49 23.78 -8.18 -1.81
C LEU A 49 22.49 -8.75 -1.24
N GLY A 50 21.66 -7.86 -0.70
CA GLY A 50 20.36 -8.25 -0.13
C GLY A 50 19.26 -7.30 -0.52
N THR A 51 19.27 -6.85 -1.77
CA THR A 51 18.19 -6.02 -2.29
C THR A 51 17.51 -6.75 -3.43
N TYR A 52 16.30 -6.30 -3.79
CA TYR A 52 15.59 -6.84 -4.94
C TYR A 52 15.64 -5.86 -6.13
N ASN A 53 16.73 -5.10 -6.20
CA ASN A 53 17.02 -4.18 -7.30
C ASN A 53 17.69 -4.93 -8.44
N TYR A 54 16.99 -5.96 -8.93
CA TYR A 54 17.59 -6.94 -9.83
C TYR A 54 18.20 -6.35 -11.11
N MET A 55 17.59 -5.28 -11.62
CA MET A 55 18.01 -4.70 -12.89
C MET A 55 18.66 -3.34 -12.72
N GLY A 56 19.00 -2.99 -11.48
CA GLY A 56 19.72 -1.75 -11.18
C GLY A 56 19.06 -0.49 -11.72
N MET A 57 17.74 -0.43 -11.64
CA MET A 57 16.98 0.70 -12.20
C MET A 57 16.87 1.90 -11.26
N THR A 58 17.22 1.72 -9.99
CA THR A 58 16.99 2.78 -8.98
C THR A 58 17.77 4.07 -9.24
N PHE A 59 18.90 3.97 -9.93
CA PHE A 59 19.68 5.17 -10.28
C PHE A 59 19.78 5.41 -11.78
N ASP A 60 18.88 4.81 -12.56
CA ASP A 60 18.88 5.05 -13.99
C ASP A 60 18.60 6.53 -14.25
N PRO A 61 19.46 7.19 -15.06
CA PRO A 61 19.32 8.64 -15.24
C PRO A 61 17.99 9.06 -15.85
N ASP A 62 17.43 8.26 -16.75
CA ASP A 62 16.13 8.55 -17.35
C ASP A 62 14.99 8.39 -16.34
N VAL A 63 15.08 7.34 -15.52
CA VAL A 63 14.09 7.13 -14.47
C VAL A 63 14.07 8.32 -13.51
N ILE A 64 15.27 8.72 -13.06
CA ILE A 64 15.40 9.83 -12.13
C ILE A 64 14.92 11.15 -12.72
N ALA A 65 15.29 11.41 -13.98
CA ALA A 65 14.81 12.63 -14.68
C ALA A 65 13.27 12.65 -14.77
N ALA A 66 12.67 11.51 -15.06
CA ALA A 66 11.21 11.41 -15.16
C ALA A 66 10.54 11.72 -13.81
N GLY A 67 11.14 11.23 -12.74
CA GLY A 67 10.63 11.50 -11.39
C GLY A 67 10.66 12.98 -11.04
N LYS A 68 11.78 13.63 -11.32
CA LYS A 68 11.94 15.05 -11.01
C LYS A 68 10.94 15.90 -11.78
N GLN A 69 10.82 15.62 -13.08
CA GLN A 69 9.90 16.36 -13.93
C GLN A 69 8.45 16.20 -13.47
N ALA A 70 8.08 14.99 -13.07
CA ALA A 70 6.73 14.74 -12.57
C ALA A 70 6.44 15.55 -11.32
N LEU A 71 7.43 15.69 -10.43
CA LEU A 71 7.25 16.50 -9.22
C LEU A 71 6.94 17.95 -9.61
N ASP A 72 7.69 18.49 -10.57
CA ASP A 72 7.47 19.85 -11.05
C ASP A 72 6.11 20.02 -11.70
N GLU A 73 5.75 19.11 -12.60
CA GLU A 73 4.51 19.26 -13.39
C GLU A 73 3.23 18.89 -12.63
N PHE A 74 3.30 17.89 -11.76
CA PHE A 74 2.09 17.32 -11.14
C PHE A 74 2.07 17.34 -9.59
N GLY A 75 3.16 17.73 -8.95
CA GLY A 75 3.19 17.84 -7.49
C GLY A 75 3.59 16.57 -6.75
N SER A 76 3.59 16.62 -5.43
CA SER A 76 4.09 15.51 -4.61
C SER A 76 3.13 14.32 -4.49
N GLY A 77 1.86 14.50 -4.84
CA GLY A 77 0.85 13.46 -4.66
C GLY A 77 -0.48 13.85 -5.27
N THR A 78 -1.39 12.88 -5.34
CA THR A 78 -2.68 13.07 -6.00
C THR A 78 -3.79 13.49 -5.03
N THR A 79 -3.62 13.14 -3.75
CA THR A 79 -4.64 13.37 -2.72
C THR A 79 -6.03 12.82 -3.08
N GLY A 80 -6.06 11.66 -3.71
CA GLY A 80 -7.31 10.96 -3.95
C GLY A 80 -7.18 9.58 -4.54
N SER A 81 -8.27 8.83 -4.42
CA SER A 81 -8.38 7.50 -4.98
C SER A 81 -8.45 7.54 -6.50
N ARG A 82 -8.03 6.44 -7.14
CA ARG A 82 -8.15 6.29 -8.59
C ARG A 82 -9.57 6.50 -9.10
N VAL A 83 -10.56 6.11 -8.30
CA VAL A 83 -11.96 6.13 -8.75
C VAL A 83 -12.65 7.50 -8.54
N LEU A 84 -11.97 8.41 -7.85
CA LEU A 84 -12.45 9.79 -7.71
C LEU A 84 -11.54 10.74 -8.51
N ASN A 85 -10.66 11.49 -7.82
CA ASN A 85 -9.84 12.57 -8.39
C ASN A 85 -8.38 12.20 -8.62
N GLY A 86 -8.02 10.95 -8.33
CA GLY A 86 -6.63 10.55 -8.28
C GLY A 86 -6.05 9.90 -9.53
N THR A 87 -6.82 9.87 -10.62
CA THR A 87 -6.30 9.32 -11.87
C THR A 87 -5.76 10.47 -12.72
N TYR A 88 -4.44 10.54 -12.84
CA TYR A 88 -3.76 11.57 -13.62
C TYR A 88 -3.31 10.91 -14.91
N GLN A 89 -2.86 11.70 -15.88
CA GLN A 89 -2.33 11.13 -17.12
C GLN A 89 -1.23 10.08 -16.84
N GLY A 90 -0.39 10.34 -15.82
CA GLY A 90 0.69 9.41 -15.46
C GLY A 90 0.22 8.02 -15.06
N HIS A 91 -0.93 7.94 -14.39
CA HIS A 91 -1.47 6.64 -13.98
C HIS A 91 -1.92 5.83 -15.20
N LYS A 92 -2.60 6.49 -16.13
CA LYS A 92 -3.02 5.83 -17.37
C LYS A 92 -1.81 5.42 -18.22
N ALA A 93 -0.80 6.31 -18.29
CA ALA A 93 0.40 6.04 -19.08
C ALA A 93 1.18 4.86 -18.50
N CYS A 94 1.20 4.75 -17.17
CA CYS A 94 1.85 3.64 -16.50
C CYS A 94 1.16 2.30 -16.79
N GLU A 95 -0.17 2.32 -16.78
CA GLU A 95 -0.93 1.15 -17.16
C GLU A 95 -0.70 0.80 -18.63
N ASP A 96 -0.56 1.80 -19.50
CA ASP A 96 -0.21 1.52 -20.89
C ASP A 96 1.17 0.88 -21.02
N ALA A 97 2.12 1.33 -20.22
CA ALA A 97 3.47 0.74 -20.22
C ALA A 97 3.42 -0.73 -19.83
N LEU A 98 2.59 -1.07 -18.84
CA LEU A 98 2.39 -2.45 -18.45
C LEU A 98 1.73 -3.29 -19.54
N LYS A 99 0.73 -2.73 -20.21
CA LYS A 99 0.08 -3.42 -21.32
C LYS A 99 1.08 -3.76 -22.41
N GLU A 100 1.96 -2.81 -22.71
CA GLU A 100 3.01 -3.02 -23.72
C GLU A 100 4.02 -4.06 -23.25
N PHE A 101 4.45 -3.97 -21.98
CA PHE A 101 5.44 -4.88 -21.42
C PHE A 101 4.97 -6.34 -21.43
N TYR A 102 3.72 -6.55 -21.03
CA TYR A 102 3.15 -7.90 -20.89
C TYR A 102 2.35 -8.35 -22.10
N GLY A 103 2.09 -7.43 -23.04
CA GLY A 103 1.32 -7.74 -24.23
C GLY A 103 -0.13 -8.06 -23.90
N THR A 104 -0.70 -7.36 -22.93
CA THR A 104 -2.06 -7.62 -22.49
C THR A 104 -3.01 -6.48 -22.84
N GLU A 105 -4.30 -6.76 -22.85
CA GLU A 105 -5.32 -5.75 -23.17
C GLU A 105 -5.61 -4.85 -21.97
N HIS A 106 -5.29 -5.32 -20.77
CA HIS A 106 -5.60 -4.57 -19.55
C HIS A 106 -4.46 -4.58 -18.54
N ALA A 107 -4.38 -3.51 -17.77
CA ALA A 107 -3.45 -3.39 -16.66
C ALA A 107 -4.05 -2.50 -15.58
N ILE A 108 -4.12 -3.02 -14.36
CA ILE A 108 -4.58 -2.26 -13.20
C ILE A 108 -3.41 -2.10 -12.25
N VAL A 109 -3.06 -0.85 -11.98
CA VAL A 109 -2.02 -0.53 -11.02
C VAL A 109 -2.61 -0.32 -9.63
N PHE A 110 -1.99 -0.95 -8.64
CA PHE A 110 -2.29 -0.79 -7.23
C PHE A 110 -1.18 0.03 -6.56
N SER A 111 -1.46 0.52 -5.37
CA SER A 111 -0.47 1.33 -4.62
C SER A 111 0.68 0.52 -4.01
N THR A 112 0.49 -0.80 -3.87
CA THR A 112 1.56 -1.74 -3.50
C THR A 112 1.30 -3.12 -4.12
N GLY A 113 2.36 -3.90 -4.29
CA GLY A 113 2.24 -5.31 -4.65
C GLY A 113 1.44 -6.09 -3.60
N TYR A 114 1.65 -5.76 -2.32
CA TYR A 114 0.87 -6.35 -1.25
C TYR A 114 -0.64 -6.19 -1.50
N GLN A 115 -1.04 -4.95 -1.81
CA GLN A 115 -2.45 -4.65 -2.11
C GLN A 115 -2.96 -5.33 -3.38
N ALA A 116 -2.09 -5.48 -4.38
CA ALA A 116 -2.44 -6.14 -5.62
C ALA A 116 -2.84 -7.60 -5.34
N ASN A 117 -2.02 -8.32 -4.59
CA ASN A 117 -2.36 -9.71 -4.20
C ASN A 117 -3.58 -9.75 -3.28
N LEU A 118 -3.57 -8.91 -2.25
CA LEU A 118 -4.66 -8.84 -1.28
C LEU A 118 -5.98 -8.59 -2.00
N GLY A 119 -5.98 -7.60 -2.87
CA GLY A 119 -7.17 -7.20 -3.62
C GLY A 119 -7.62 -8.21 -4.66
N MET A 120 -6.70 -8.67 -5.52
CA MET A 120 -7.08 -9.61 -6.59
C MET A 120 -7.66 -10.89 -6.00
N ILE A 121 -7.00 -11.44 -4.99
CA ILE A 121 -7.34 -12.74 -4.43
C ILE A 121 -8.63 -12.64 -3.61
N SER A 122 -8.77 -11.56 -2.84
CA SER A 122 -9.96 -11.38 -2.00
C SER A 122 -11.20 -10.99 -2.80
N THR A 123 -11.00 -10.52 -4.03
CA THR A 123 -12.10 -10.07 -4.87
C THR A 123 -12.54 -11.12 -5.88
N LEU A 124 -11.59 -11.86 -6.44
CA LEU A 124 -11.91 -12.86 -7.47
C LEU A 124 -12.67 -14.04 -6.89
N ALA A 125 -12.25 -14.50 -5.72
CA ALA A 125 -12.84 -15.68 -5.10
C ALA A 125 -13.71 -15.26 -3.92
N GLY A 126 -14.99 -15.62 -3.99
CA GLY A 126 -15.97 -15.30 -2.94
C GLY A 126 -16.52 -16.54 -2.27
N LYS A 127 -17.66 -16.39 -1.62
CA LYS A 127 -18.33 -17.51 -0.94
C LYS A 127 -18.62 -18.63 -1.94
N GLY A 128 -18.20 -19.84 -1.60
CA GLY A 128 -18.41 -21.00 -2.45
C GLY A 128 -17.33 -21.21 -3.50
N ASP A 129 -16.39 -20.27 -3.60
CA ASP A 129 -15.24 -20.46 -4.47
C ASP A 129 -14.10 -21.06 -3.66
N TYR A 130 -13.08 -21.54 -4.37
CA TYR A 130 -11.89 -22.13 -3.75
C TYR A 130 -10.64 -21.41 -4.22
N ILE A 131 -9.71 -21.16 -3.30
CA ILE A 131 -8.37 -20.71 -3.65
C ILE A 131 -7.40 -21.84 -3.36
N ILE A 132 -6.65 -22.25 -4.38
CA ILE A 132 -5.71 -23.35 -4.27
C ILE A 132 -4.32 -22.75 -4.41
N LEU A 133 -3.48 -22.92 -3.37
CA LEU A 133 -2.17 -22.27 -3.34
C LEU A 133 -1.10 -23.15 -2.72
N ASP A 134 0.15 -22.88 -3.08
CA ASP A 134 1.31 -23.56 -2.51
C ASP A 134 1.33 -23.28 -1.02
N ALA A 135 1.61 -24.31 -0.22
CA ALA A 135 1.72 -24.18 1.24
C ALA A 135 2.65 -23.05 1.65
N ASP A 136 3.70 -22.81 0.86
CA ASP A 136 4.74 -21.83 1.20
C ASP A 136 4.58 -20.51 0.43
N SER A 137 3.36 -20.21 -0.01
CA SER A 137 3.05 -18.97 -0.71
C SER A 137 3.40 -17.73 0.11
N HIS A 138 3.73 -16.65 -0.59
CA HIS A 138 4.02 -15.35 0.04
C HIS A 138 2.88 -14.90 0.96
N ALA A 139 3.24 -14.18 2.03
CA ALA A 139 2.29 -13.77 3.06
C ALA A 139 1.13 -12.94 2.49
N SER A 140 1.42 -12.14 1.46
CA SER A 140 0.39 -11.30 0.83
C SER A 140 -0.68 -12.12 0.11
N ILE A 141 -0.29 -13.27 -0.41
CA ILE A 141 -1.23 -14.19 -1.02
C ILE A 141 -2.12 -14.81 0.07
N TYR A 142 -1.50 -15.25 1.15
CA TYR A 142 -2.25 -15.73 2.32
C TYR A 142 -3.20 -14.70 2.89
N ASP A 143 -2.76 -13.45 2.97
CA ASP A 143 -3.58 -12.39 3.51
C ASP A 143 -4.80 -12.16 2.59
N GLY A 144 -4.58 -12.27 1.29
CA GLY A 144 -5.68 -12.26 0.33
C GLY A 144 -6.71 -13.34 0.64
N CYS A 145 -6.22 -14.55 0.91
CA CYS A 145 -7.10 -15.66 1.27
C CYS A 145 -7.86 -15.40 2.56
N TRP A 146 -7.15 -14.91 3.56
CA TRP A 146 -7.75 -14.67 4.87
C TRP A 146 -8.73 -13.51 4.88
N LEU A 147 -8.50 -12.50 4.04
CA LEU A 147 -9.43 -11.39 3.93
C LEU A 147 -10.72 -11.82 3.26
N GLY A 148 -10.60 -12.65 2.24
CA GLY A 148 -11.76 -13.12 1.49
C GLY A 148 -12.53 -14.22 2.20
N ASP A 149 -13.58 -14.69 1.55
CA ASP A 149 -14.51 -15.67 2.13
C ASP A 149 -14.54 -17.00 1.37
N ALA A 150 -13.49 -17.29 0.62
CA ALA A 150 -13.41 -18.52 -0.16
C ALA A 150 -12.90 -19.68 0.71
N GLU A 151 -13.08 -20.89 0.20
CA GLU A 151 -12.49 -22.08 0.82
C GLU A 151 -11.03 -22.15 0.40
N ILE A 152 -10.13 -22.44 1.34
CA ILE A 152 -8.69 -22.44 1.06
C ILE A 152 -8.16 -23.86 0.96
N VAL A 153 -7.37 -24.12 -0.08
CA VAL A 153 -6.79 -25.43 -0.34
C VAL A 153 -5.27 -25.30 -0.52
N ARG A 154 -4.52 -25.74 0.49
CA ARG A 154 -3.06 -25.72 0.42
C ARG A 154 -2.55 -27.01 -0.19
N PHE A 155 -1.69 -26.91 -1.20
CA PHE A 155 -1.02 -28.10 -1.71
C PHE A 155 0.45 -28.10 -1.29
N ARG A 156 1.00 -29.30 -1.18
CA ARG A 156 2.36 -29.48 -0.68
C ARG A 156 3.35 -28.70 -1.56
N HIS A 157 4.34 -28.08 -0.93
CA HIS A 157 5.24 -27.19 -1.64
C HIS A 157 5.84 -27.82 -2.89
N ASN A 158 5.61 -27.18 -4.03
CA ASN A 158 6.25 -27.57 -5.27
C ASN A 158 5.82 -28.94 -5.82
N SER A 159 4.64 -29.41 -5.42
CA SER A 159 4.18 -30.74 -5.83
C SER A 159 3.06 -30.66 -6.85
N VAL A 160 3.41 -30.88 -8.12
CA VAL A 160 2.43 -30.95 -9.20
C VAL A 160 1.40 -32.06 -8.90
N GLU A 161 1.91 -33.17 -8.39
CA GLU A 161 1.11 -34.34 -8.07
C GLU A 161 0.05 -34.02 -7.02
N ASP A 162 0.45 -33.32 -5.98
CA ASP A 162 -0.47 -32.96 -4.89
C ASP A 162 -1.49 -31.90 -5.34
N LEU A 163 -1.06 -30.93 -6.14
CA LEU A 163 -1.98 -29.95 -6.73
C LEU A 163 -3.09 -30.64 -7.50
N ASP A 164 -2.71 -31.56 -8.38
CA ASP A 164 -3.63 -32.32 -9.22
C ASP A 164 -4.61 -33.11 -8.35
N LYS A 165 -4.06 -33.82 -7.36
CA LYS A 165 -4.86 -34.60 -6.42
C LYS A 165 -5.89 -33.74 -5.68
N ARG A 166 -5.45 -32.60 -5.16
CA ARG A 166 -6.31 -31.71 -4.38
C ARG A 166 -7.40 -31.08 -5.26
N LEU A 167 -7.05 -30.64 -6.46
CA LEU A 167 -8.02 -30.02 -7.36
C LEU A 167 -9.15 -30.99 -7.74
N GLY A 168 -8.79 -32.26 -7.91
CA GLY A 168 -9.72 -33.29 -8.34
C GLY A 168 -10.84 -33.59 -7.35
N ARG A 169 -10.60 -33.33 -6.07
CA ARG A 169 -11.62 -33.56 -5.05
C ARG A 169 -12.60 -32.39 -4.92
N LEU A 170 -12.29 -31.24 -5.50
CA LEU A 170 -13.15 -30.08 -5.33
C LEU A 170 -14.44 -30.23 -6.14
N PRO A 171 -15.55 -29.63 -5.65
CA PRO A 171 -16.82 -29.69 -6.38
C PRO A 171 -16.69 -29.13 -7.79
N ALA A 172 -17.33 -29.81 -8.74
CA ALA A 172 -17.20 -29.53 -10.16
C ALA A 172 -17.54 -28.08 -10.53
N GLU A 173 -18.60 -27.55 -9.91
CA GLU A 173 -19.18 -26.28 -10.33
C GLU A 173 -18.66 -25.08 -9.53
N ALA A 174 -17.92 -25.32 -8.46
CA ALA A 174 -17.38 -24.22 -7.66
C ALA A 174 -16.30 -23.49 -8.45
N GLY A 175 -16.25 -22.17 -8.29
CA GLY A 175 -15.20 -21.38 -8.90
C GLY A 175 -13.88 -21.73 -8.25
N LYS A 176 -12.81 -21.77 -9.03
CA LYS A 176 -11.51 -22.19 -8.54
C LYS A 176 -10.43 -21.25 -9.05
N LEU A 177 -9.65 -20.72 -8.13
CA LEU A 177 -8.50 -19.88 -8.44
C LEU A 177 -7.24 -20.55 -7.92
N VAL A 178 -6.38 -20.95 -8.84
CA VAL A 178 -5.04 -21.44 -8.50
C VAL A 178 -4.10 -20.25 -8.49
N VAL A 179 -3.42 -20.02 -7.36
CA VAL A 179 -2.45 -18.93 -7.23
C VAL A 179 -1.07 -19.56 -7.14
N LEU A 180 -0.18 -19.17 -8.05
CA LEU A 180 1.18 -19.70 -8.15
C LEU A 180 2.19 -18.56 -8.19
N GLU A 181 3.42 -18.85 -7.78
CA GLU A 181 4.53 -17.91 -7.92
C GLU A 181 5.55 -18.49 -8.89
N GLY A 182 6.17 -17.64 -9.71
CA GLY A 182 7.16 -18.08 -10.69
C GLY A 182 8.45 -18.54 -10.02
N VAL A 183 8.95 -17.70 -9.12
CA VAL A 183 10.17 -17.98 -8.36
C VAL A 183 9.80 -18.06 -6.90
N TYR A 184 10.24 -19.11 -6.22
CA TYR A 184 10.07 -19.21 -4.78
C TYR A 184 11.21 -18.43 -4.12
N SER A 185 10.89 -17.33 -3.46
CA SER A 185 11.93 -16.40 -2.99
C SER A 185 12.84 -16.90 -1.88
N MET A 186 12.41 -17.87 -1.08
CA MET A 186 13.21 -18.35 0.06
CA MET A 186 13.21 -18.35 0.06
C MET A 186 14.53 -18.94 -0.43
N MET A 187 14.45 -19.92 -1.32
CA MET A 187 15.62 -20.61 -1.87
C MET A 187 16.01 -20.14 -3.27
N GLY A 188 15.13 -19.36 -3.91
CA GLY A 188 15.39 -18.87 -5.25
C GLY A 188 15.23 -19.92 -6.35
N ASP A 189 14.45 -20.96 -6.09
CA ASP A 189 14.18 -21.98 -7.10
C ASP A 189 12.89 -21.63 -7.84
N ILE A 190 12.70 -22.17 -9.03
CA ILE A 190 11.52 -21.81 -9.82
C ILE A 190 10.46 -22.91 -9.78
N ALA A 191 9.21 -22.50 -9.97
CA ALA A 191 8.07 -23.42 -9.96
C ALA A 191 7.93 -24.08 -11.33
N PRO A 192 7.43 -25.32 -11.37
CA PRO A 192 7.19 -25.98 -12.65
C PRO A 192 5.86 -25.53 -13.24
N LEU A 193 5.81 -24.29 -13.71
CA LEU A 193 4.55 -23.69 -14.14
C LEU A 193 3.92 -24.35 -15.36
N GLN A 194 4.71 -24.90 -16.28
CA GLN A 194 4.15 -25.60 -17.43
C GLN A 194 3.25 -26.75 -16.98
N GLU A 195 3.78 -27.57 -16.07
CA GLU A 195 3.04 -28.70 -15.53
CA GLU A 195 3.03 -28.70 -15.53
C GLU A 195 1.85 -28.25 -14.67
N MET A 196 2.09 -27.23 -13.83
CA MET A 196 1.07 -26.78 -12.88
C MET A 196 -0.09 -26.07 -13.57
N VAL A 197 0.24 -25.28 -14.59
CA VAL A 197 -0.79 -24.60 -15.37
C VAL A 197 -1.65 -25.63 -16.12
N ALA A 198 -1.02 -26.65 -16.70
CA ALA A 198 -1.74 -27.68 -17.45
C ALA A 198 -2.68 -28.44 -16.53
N VAL A 199 -2.19 -28.79 -15.34
CA VAL A 199 -3.02 -29.45 -14.34
C VAL A 199 -4.20 -28.55 -13.95
N SER A 200 -3.92 -27.26 -13.76
CA SER A 200 -4.94 -26.30 -13.37
C SER A 200 -6.03 -26.12 -14.43
N LYS A 201 -5.63 -26.00 -15.69
CA LYS A 201 -6.60 -25.86 -16.80
C LYS A 201 -7.43 -27.11 -17.00
N LYS A 202 -6.83 -28.28 -16.79
CA LYS A 202 -7.54 -29.54 -16.90
C LYS A 202 -8.72 -29.63 -15.92
N HIS A 203 -8.60 -28.97 -14.77
CA HIS A 203 -9.66 -28.95 -13.77
C HIS A 203 -10.58 -27.72 -13.88
N GLY A 204 -10.35 -26.89 -14.90
CA GLY A 204 -11.18 -25.72 -15.14
C GLY A 204 -10.94 -24.56 -14.19
N ALA A 205 -9.76 -24.50 -13.58
CA ALA A 205 -9.43 -23.42 -12.66
C ALA A 205 -8.97 -22.20 -13.45
N MET A 206 -9.24 -21.02 -12.90
CA MET A 206 -8.58 -19.81 -13.38
C MET A 206 -7.23 -19.75 -12.68
N ILE A 207 -6.26 -19.13 -13.31
CA ILE A 207 -4.88 -19.13 -12.82
C ILE A 207 -4.35 -17.71 -12.67
N LEU A 208 -3.85 -17.42 -11.48
CA LEU A 208 -3.16 -16.18 -11.20
C LEU A 208 -1.73 -16.52 -10.82
N VAL A 209 -0.76 -15.91 -11.51
CA VAL A 209 0.66 -16.12 -11.22
C VAL A 209 1.31 -14.82 -10.76
N ASP A 210 2.08 -14.90 -9.68
CA ASP A 210 2.90 -13.80 -9.21
C ASP A 210 4.26 -13.84 -9.87
N GLU A 211 4.61 -12.76 -10.55
CA GLU A 211 5.89 -12.67 -11.24
C GLU A 211 6.66 -11.45 -10.74
N ALA A 212 6.77 -11.36 -9.42
CA ALA A 212 7.49 -10.27 -8.78
C ALA A 212 9.01 -10.47 -8.85
N HIS A 213 9.46 -11.73 -8.88
CA HIS A 213 10.90 -12.07 -8.77
C HIS A 213 11.57 -12.55 -10.07
N GLY A 214 10.95 -12.31 -11.20
CA GLY A 214 11.59 -12.60 -12.48
C GLY A 214 11.45 -11.52 -13.55
N MET A 215 10.95 -10.35 -13.17
CA MET A 215 10.61 -9.32 -14.14
C MET A 215 11.85 -8.71 -14.81
N GLY A 216 11.93 -8.85 -16.12
CA GLY A 216 13.06 -8.36 -16.89
C GLY A 216 14.10 -9.42 -17.20
N PHE A 217 14.00 -10.60 -16.57
CA PHE A 217 15.04 -11.62 -16.79
C PHE A 217 14.60 -13.09 -16.92
N PHE A 218 13.31 -13.32 -17.13
CA PHE A 218 12.80 -14.61 -17.57
C PHE A 218 11.86 -14.35 -18.73
N GLY A 219 11.88 -15.24 -19.72
CA GLY A 219 10.97 -15.14 -20.87
C GLY A 219 11.52 -14.27 -21.97
N GLU A 220 11.05 -14.50 -23.20
CA GLU A 220 11.55 -13.77 -24.37
C GLU A 220 11.49 -12.26 -24.17
N HIS A 221 10.38 -11.77 -23.61
CA HIS A 221 10.21 -10.34 -23.35
C HIS A 221 10.46 -9.93 -21.89
N GLY A 222 10.94 -10.85 -21.06
CA GLY A 222 11.17 -10.55 -19.64
C GLY A 222 9.92 -10.54 -18.77
N ARG A 223 8.86 -11.21 -19.21
CA ARG A 223 7.60 -11.13 -18.50
C ARG A 223 7.53 -12.03 -17.27
N GLY A 224 8.41 -13.03 -17.20
CA GLY A 224 8.52 -13.88 -16.02
C GLY A 224 8.65 -15.35 -16.33
N VAL A 225 8.66 -16.17 -15.29
CA VAL A 225 8.81 -17.62 -15.42
C VAL A 225 7.69 -18.21 -16.26
N PHE A 226 6.49 -17.66 -16.13
CA PHE A 226 5.34 -18.16 -16.90
C PHE A 226 5.56 -18.00 -18.41
N GLU A 227 6.19 -16.90 -18.83
CA GLU A 227 6.49 -16.72 -20.24
C GLU A 227 7.59 -17.70 -20.67
N GLU A 228 8.64 -17.80 -19.86
CA GLU A 228 9.71 -18.78 -20.09
C GLU A 228 9.13 -20.19 -20.21
N ALA A 229 8.17 -20.52 -19.36
CA ALA A 229 7.55 -21.86 -19.32
C ALA A 229 6.60 -22.11 -20.49
N GLY A 230 6.29 -21.07 -21.26
CA GLY A 230 5.47 -21.22 -22.45
C GLY A 230 3.98 -21.30 -22.22
N VAL A 231 3.51 -20.79 -21.08
CA VAL A 231 2.10 -20.93 -20.69
C VAL A 231 1.37 -19.59 -20.63
N GLU A 232 1.92 -18.60 -21.30
CA GLU A 232 1.35 -17.25 -21.35
C GLU A 232 -0.14 -17.26 -21.74
N ALA A 233 -0.50 -18.06 -22.74
CA ALA A 233 -1.86 -18.08 -23.25
C ALA A 233 -2.87 -18.73 -22.27
N ASP A 234 -2.36 -19.47 -21.28
CA ASP A 234 -3.22 -20.19 -20.33
C ASP A 234 -3.32 -19.54 -18.95
N VAL A 235 -2.58 -18.46 -18.71
CA VAL A 235 -2.63 -17.75 -17.45
C VAL A 235 -3.59 -16.57 -17.55
N ASP A 236 -4.56 -16.52 -16.65
CA ASP A 236 -5.62 -15.53 -16.70
C ASP A 236 -5.18 -14.18 -16.15
N PHE A 237 -4.40 -14.22 -15.08
CA PHE A 237 -3.98 -13.01 -14.38
C PHE A 237 -2.54 -13.11 -13.96
N VAL A 238 -1.77 -12.04 -14.19
CA VAL A 238 -0.41 -11.96 -13.68
C VAL A 238 -0.32 -10.78 -12.74
N VAL A 239 0.08 -11.04 -11.50
CA VAL A 239 0.33 -9.99 -10.54
C VAL A 239 1.83 -9.72 -10.43
N GLY A 240 2.18 -8.45 -10.26
CA GLY A 240 3.56 -8.07 -10.01
C GLY A 240 3.68 -6.82 -9.16
N THR A 241 4.92 -6.34 -9.05
CA THR A 241 5.26 -5.21 -8.20
C THR A 241 6.11 -4.19 -8.98
N PHE A 242 6.10 -2.96 -8.49
CA PHE A 242 7.00 -1.92 -8.95
C PHE A 242 8.21 -1.79 -8.01
N SER A 243 8.25 -2.57 -6.94
CA SER A 243 9.26 -2.33 -5.91
C SER A 243 10.53 -3.16 -6.04
N LYS A 244 10.61 -4.02 -7.05
CA LYS A 244 11.79 -4.85 -7.23
C LYS A 244 12.50 -4.42 -8.51
N SER A 245 12.41 -5.19 -9.60
CA SER A 245 13.05 -4.82 -10.87
C SER A 245 12.76 -3.39 -11.30
N VAL A 246 11.52 -2.95 -11.14
CA VAL A 246 11.12 -1.61 -11.57
C VAL A 246 11.79 -0.50 -10.73
N GLY A 247 12.01 -0.78 -9.44
CA GLY A 247 12.82 0.11 -8.60
C GLY A 247 12.10 1.30 -7.98
N THR A 248 10.78 1.18 -7.76
CA THR A 248 10.03 2.24 -7.09
CA THR A 248 10.04 2.24 -7.11
C THR A 248 9.09 1.63 -6.06
N VAL A 249 7.79 1.88 -6.16
CA VAL A 249 6.82 1.32 -5.21
C VAL A 249 5.52 1.18 -5.99
N GLY A 250 4.70 0.20 -5.65
CA GLY A 250 3.45 -0.06 -6.36
C GLY A 250 3.24 -1.52 -6.68
N GLY A 251 2.01 -1.83 -7.13
CA GLY A 251 1.69 -3.18 -7.59
C GLY A 251 0.87 -3.12 -8.86
N PHE A 252 0.61 -4.28 -9.45
CA PHE A 252 -0.26 -4.34 -10.61
C PHE A 252 -0.77 -5.73 -10.86
N CYS A 253 -1.82 -5.80 -11.66
CA CYS A 253 -2.28 -7.05 -12.23
C CYS A 253 -2.60 -6.80 -13.70
N VAL A 254 -2.11 -7.69 -14.57
CA VAL A 254 -2.39 -7.60 -16.00
C VAL A 254 -3.19 -8.81 -16.45
N SER A 255 -3.97 -8.64 -17.51
CA SER A 255 -4.90 -9.67 -17.96
C SER A 255 -5.47 -9.31 -19.32
N ASN A 256 -5.89 -10.35 -20.05
CA ASN A 256 -6.67 -10.19 -21.28
C ASN A 256 -8.16 -10.44 -21.06
N HIS A 257 -8.58 -10.75 -19.84
CA HIS A 257 -10.00 -11.06 -19.60
C HIS A 257 -10.86 -9.85 -19.99
N PRO A 258 -11.92 -10.07 -20.79
CA PRO A 258 -12.68 -8.92 -21.28
C PRO A 258 -13.47 -8.14 -20.21
N LYS A 259 -13.70 -8.74 -19.04
CA LYS A 259 -14.42 -8.07 -17.95
C LYS A 259 -13.50 -7.46 -16.89
N PHE A 260 -12.19 -7.46 -17.15
CA PHE A 260 -11.18 -7.15 -16.14
C PHE A 260 -11.31 -5.76 -15.52
N GLU A 261 -11.69 -4.78 -16.33
CA GLU A 261 -11.76 -3.39 -15.85
C GLU A 261 -12.80 -3.19 -14.76
N VAL A 262 -13.78 -4.09 -14.67
CA VAL A 262 -14.79 -3.99 -13.62
C VAL A 262 -14.18 -4.03 -12.23
N LEU A 263 -12.98 -4.61 -12.09
CA LEU A 263 -12.34 -4.69 -10.79
C LEU A 263 -12.03 -3.31 -10.19
N ARG A 264 -11.86 -2.31 -11.04
CA ARG A 264 -11.61 -0.95 -10.56
C ARG A 264 -12.78 -0.45 -9.71
N LEU A 265 -13.98 -0.95 -9.96
CA LEU A 265 -15.17 -0.52 -9.25
C LEU A 265 -15.38 -1.28 -7.94
N VAL A 266 -14.89 -2.52 -7.84
CA VAL A 266 -15.22 -3.38 -6.71
C VAL A 266 -14.04 -3.84 -5.84
N CYS A 267 -12.82 -3.70 -6.33
CA CYS A 267 -11.66 -4.21 -5.63
C CYS A 267 -11.28 -3.23 -4.51
N ARG A 268 -11.53 -3.61 -3.26
CA ARG A 268 -11.44 -2.66 -2.15
C ARG A 268 -10.04 -2.09 -1.88
N PRO A 269 -8.98 -2.91 -2.02
CA PRO A 269 -7.63 -2.36 -1.87
C PRO A 269 -7.16 -1.48 -3.04
N TYR A 270 -7.96 -1.42 -4.10
CA TYR A 270 -7.76 -0.46 -5.17
C TYR A 270 -8.59 0.80 -4.91
N VAL A 271 -9.87 0.61 -4.58
CA VAL A 271 -10.78 1.72 -4.42
C VAL A 271 -10.46 2.59 -3.21
N PHE A 272 -10.16 1.97 -2.06
CA PHE A 272 -10.14 2.69 -0.79
C PHE A 272 -8.74 3.07 -0.32
N THR A 273 -7.92 3.55 -1.26
CA THR A 273 -6.56 4.00 -0.97
C THR A 273 -6.24 5.09 -2.00
N ALA A 274 -5.35 6.02 -1.66
CA ALA A 274 -4.94 7.04 -2.64
C ALA A 274 -4.13 6.44 -3.77
N SER A 275 -4.26 7.02 -4.96
CA SER A 275 -3.40 6.63 -6.07
C SER A 275 -1.96 7.07 -5.77
N LEU A 276 -1.01 6.49 -6.52
CA LEU A 276 0.41 6.74 -6.30
C LEU A 276 0.79 8.15 -6.71
N PRO A 277 1.85 8.69 -6.10
CA PRO A 277 2.30 10.01 -6.51
C PRO A 277 2.72 10.06 -7.97
N PRO A 278 2.54 11.23 -8.61
CA PRO A 278 2.96 11.39 -10.01
C PRO A 278 4.41 10.96 -10.24
N SER A 279 5.33 11.29 -9.32
CA SER A 279 6.74 10.89 -9.46
C SER A 279 6.92 9.37 -9.49
N VAL A 280 6.09 8.66 -8.73
CA VAL A 280 6.17 7.19 -8.69
C VAL A 280 5.66 6.57 -10.00
N VAL A 281 4.54 7.03 -10.53
CA VAL A 281 4.06 6.47 -11.77
C VAL A 281 4.89 6.88 -12.97
N ALA A 282 5.55 8.05 -12.88
CA ALA A 282 6.46 8.50 -13.93
C ALA A 282 7.73 7.65 -13.93
N THR A 283 8.34 7.48 -12.77
CA THR A 283 9.54 6.67 -12.68
C THR A 283 9.22 5.20 -13.04
N ALA A 284 8.09 4.69 -12.56
CA ALA A 284 7.71 3.31 -12.86
C ALA A 284 7.53 3.13 -14.37
N ALA A 285 6.81 4.06 -15.02
CA ALA A 285 6.55 3.93 -16.46
C ALA A 285 7.83 3.95 -17.27
N THR A 286 8.74 4.84 -16.89
CA THR A 286 10.01 5.00 -17.60
C THR A 286 10.86 3.75 -17.38
N SER A 287 10.87 3.23 -16.16
CA SER A 287 11.65 2.03 -15.84
C SER A 287 11.11 0.82 -16.60
N ILE A 288 9.78 0.67 -16.59
CA ILE A 288 9.13 -0.45 -17.27
C ILE A 288 9.46 -0.45 -18.77
N ARG A 289 9.38 0.71 -19.40
CA ARG A 289 9.70 0.81 -20.82
C ARG A 289 11.16 0.47 -21.14
N LYS A 290 12.09 0.91 -20.30
CA LYS A 290 13.50 0.52 -20.47
C LYS A 290 13.71 -0.98 -20.24
N LEU A 291 12.98 -1.56 -19.28
CA LEU A 291 13.11 -3.01 -19.01
C LEU A 291 12.71 -3.88 -20.21
N MET A 292 11.90 -3.34 -21.10
CA MET A 292 11.55 -4.04 -22.35
C MET A 292 12.75 -4.32 -23.25
N HIS A 293 13.79 -3.49 -23.13
CA HIS A 293 14.96 -3.59 -24.01
C HIS A 293 16.27 -3.75 -23.24
N ALA A 294 16.18 -4.24 -22.00
CA ALA A 294 17.34 -4.32 -21.11
C ALA A 294 18.08 -5.64 -21.21
N GLY A 295 18.39 -6.06 -22.44
CA GLY A 295 19.12 -7.30 -22.70
C GLY A 295 20.49 -7.34 -22.03
N ASP A 296 21.19 -6.20 -22.03
CA ASP A 296 22.52 -6.09 -21.43
C ASP A 296 22.48 -6.35 -19.93
N LYS A 297 21.59 -5.65 -19.23
CA LYS A 297 21.41 -5.85 -17.78
C LYS A 297 21.01 -7.29 -17.46
N ARG A 298 20.07 -7.83 -18.23
CA ARG A 298 19.61 -9.20 -18.04
C ARG A 298 20.74 -10.23 -18.14
N ALA A 299 21.52 -10.11 -19.21
CA ALA A 299 22.65 -11.01 -19.44
C ALA A 299 23.68 -10.91 -18.32
N HIS A 300 23.95 -9.69 -17.85
CA HIS A 300 24.91 -9.52 -16.78
C HIS A 300 24.38 -10.01 -15.44
N LEU A 301 23.08 -9.86 -15.21
CA LEU A 301 22.45 -10.39 -13.99
C LEU A 301 22.66 -11.90 -13.92
N TRP A 302 22.40 -12.60 -15.02
CA TRP A 302 22.54 -14.06 -15.05
C TRP A 302 24.00 -14.49 -14.89
N LYS A 303 24.92 -13.79 -15.56
CA LYS A 303 26.35 -14.02 -15.38
C LYS A 303 26.77 -13.91 -13.91
N ASN A 304 26.34 -12.84 -13.26
CA ASN A 304 26.61 -12.62 -11.85
C ASN A 304 26.09 -13.77 -10.99
N SER A 305 24.84 -14.17 -11.22
CA SER A 305 24.20 -15.19 -10.40
C SER A 305 24.92 -16.52 -10.55
N ARG A 306 25.23 -16.88 -11.79
CA ARG A 306 25.93 -18.13 -12.08
C ARG A 306 27.34 -18.18 -11.53
N ARG A 307 28.04 -17.04 -11.60
CA ARG A 307 29.38 -16.95 -11.03
C ARG A 307 29.33 -17.09 -9.51
N LEU A 308 28.47 -16.32 -8.86
CA LEU A 308 28.37 -16.38 -7.41
C LEU A 308 27.98 -17.79 -6.94
N HIS A 309 27.01 -18.39 -7.61
CA HIS A 309 26.50 -19.71 -7.27
C HIS A 309 27.60 -20.77 -7.39
N GLN A 310 28.29 -20.76 -8.52
CA GLN A 310 29.38 -21.69 -8.76
C GLN A 310 30.53 -21.46 -7.76
N GLY A 311 30.89 -20.19 -7.54
CA GLY A 311 31.97 -19.87 -6.62
C GLY A 311 31.69 -20.29 -5.18
N LEU A 312 30.47 -20.03 -4.71
CA LEU A 312 30.08 -20.41 -3.35
C LEU A 312 30.10 -21.93 -3.17
N ARG A 313 29.54 -22.68 -4.12
CA ARG A 313 29.52 -24.14 -3.97
C ARG A 313 30.93 -24.73 -4.08
N ASP A 314 31.75 -24.15 -4.96
CA ASP A 314 33.12 -24.64 -5.17
C ASP A 314 34.02 -24.51 -3.94
N MET A 315 33.80 -23.49 -3.12
CA MET A 315 34.59 -23.30 -1.88
C MET A 315 34.00 -24.03 -0.65
N GLY A 316 32.84 -24.69 -0.81
CA GLY A 316 32.32 -25.56 0.24
C GLY A 316 30.95 -25.24 0.83
N TYR A 317 30.34 -24.14 0.39
CA TYR A 317 29.00 -23.78 0.86
C TYR A 317 27.93 -24.69 0.28
N LYS A 318 26.90 -24.97 1.09
CA LYS A 318 25.74 -25.72 0.65
C LYS A 318 24.65 -24.75 0.29
N LEU A 319 24.13 -24.87 -0.92
CA LEU A 319 23.18 -23.91 -1.48
C LEU A 319 21.80 -24.53 -1.66
N GLY A 320 20.77 -23.68 -1.70
CA GLY A 320 19.39 -24.12 -1.83
C GLY A 320 19.05 -24.73 -3.18
N THR A 321 19.92 -24.54 -4.16
CA THR A 321 19.73 -25.05 -5.51
C THR A 321 21.05 -25.62 -6.02
N GLU A 322 20.98 -26.68 -6.82
CA GLU A 322 22.16 -27.27 -7.45
C GLU A 322 22.76 -26.38 -8.55
N THR A 323 21.91 -25.57 -9.18
CA THR A 323 22.34 -24.58 -10.17
C THR A 323 21.63 -23.25 -9.91
N ALA A 324 22.17 -22.17 -10.47
CA ALA A 324 21.53 -20.87 -10.34
C ALA A 324 20.21 -20.88 -11.13
N GLN A 325 19.08 -20.93 -10.42
CA GLN A 325 17.75 -20.97 -11.06
C GLN A 325 17.10 -19.59 -11.14
N SER A 326 17.67 -18.64 -10.42
CA SER A 326 17.18 -17.27 -10.43
C SER A 326 18.30 -16.36 -9.94
N ALA A 327 17.97 -15.11 -9.66
CA ALA A 327 18.94 -14.15 -9.13
C ALA A 327 19.06 -14.24 -7.59
N ILE A 328 18.35 -15.18 -6.97
CA ILE A 328 18.45 -15.41 -5.53
C ILE A 328 19.27 -16.66 -5.25
N ILE A 329 20.24 -16.54 -4.35
CA ILE A 329 21.05 -17.68 -3.96
C ILE A 329 21.00 -17.83 -2.44
N ALA A 330 20.57 -19.00 -1.98
CA ALA A 330 20.41 -19.26 -0.55
C ALA A 330 21.53 -20.15 -0.06
N VAL A 331 22.25 -19.68 0.96
CA VAL A 331 23.26 -20.47 1.63
C VAL A 331 22.64 -21.12 2.87
N ILE A 332 22.75 -22.45 2.95
CA ILE A 332 22.10 -23.22 4.00
C ILE A 332 23.07 -23.48 5.14
N LEU A 333 22.63 -23.14 6.36
CA LEU A 333 23.39 -23.40 7.57
C LEU A 333 22.51 -24.18 8.55
N THR A 334 23.17 -24.93 9.42
CA THR A 334 22.47 -25.85 10.33
C THR A 334 22.55 -25.42 11.79
N ASP A 335 23.30 -24.35 12.07
CA ASP A 335 23.47 -23.86 13.43
C ASP A 335 23.18 -22.37 13.48
N MET A 336 22.30 -21.97 14.41
CA MET A 336 21.89 -20.57 14.52
C MET A 336 23.09 -19.68 14.85
N ALA A 337 23.91 -20.11 15.80
CA ALA A 337 25.09 -19.35 16.22
C ALA A 337 26.04 -19.13 15.04
N GLN A 338 26.22 -20.16 14.24
CA GLN A 338 27.07 -20.10 13.06
C GLN A 338 26.48 -19.18 12.00
N ALA A 339 25.17 -19.26 11.82
CA ALA A 339 24.47 -18.38 10.90
C ALA A 339 24.62 -16.89 11.29
N VAL A 340 24.50 -16.58 12.58
CA VAL A 340 24.62 -15.19 13.01
C VAL A 340 26.09 -14.74 12.92
N ALA A 341 27.04 -15.60 13.32
CA ALA A 341 28.45 -15.26 13.23
C ALA A 341 28.89 -14.98 11.78
N LEU A 342 28.40 -15.77 10.83
CA LEU A 342 28.74 -15.56 9.41
C LEU A 342 28.13 -14.27 8.88
N TRP A 343 26.84 -14.07 9.15
CA TRP A 343 26.15 -12.87 8.71
C TRP A 343 26.82 -11.62 9.28
N GLN A 344 27.07 -11.63 10.58
CA GLN A 344 27.71 -10.50 11.25
C GLN A 344 29.14 -10.30 10.73
N GLY A 345 29.87 -11.41 10.56
CA GLY A 345 31.21 -11.37 9.99
C GLY A 345 31.23 -10.75 8.59
N LEU A 346 30.30 -11.16 7.74
CA LEU A 346 30.19 -10.55 6.41
C LEU A 346 29.89 -9.06 6.53
N LEU A 347 28.95 -8.69 7.39
CA LEU A 347 28.54 -7.30 7.55
C LEU A 347 29.73 -6.44 7.98
N GLU A 348 30.47 -6.93 8.97
CA GLU A 348 31.62 -6.21 9.48
C GLU A 348 32.77 -6.13 8.47
N ALA A 349 32.83 -7.09 7.54
CA ALA A 349 33.80 -7.06 6.44
C ALA A 349 33.34 -6.19 5.26
N GLY A 350 32.10 -5.71 5.29
CA GLY A 350 31.58 -4.81 4.25
C GLY A 350 30.66 -5.46 3.24
N LEU A 351 29.94 -6.51 3.65
CA LEU A 351 28.97 -7.16 2.77
C LEU A 351 27.65 -7.35 3.50
N TYR A 352 26.56 -6.85 2.91
CA TYR A 352 25.22 -7.04 3.44
C TYR A 352 24.46 -8.11 2.67
N VAL A 353 24.00 -9.13 3.38
CA VAL A 353 23.06 -10.12 2.84
C VAL A 353 21.88 -10.26 3.78
N ASN A 354 20.79 -10.82 3.25
CA ASN A 354 19.60 -11.08 4.06
C ASN A 354 19.73 -12.42 4.76
N THR A 355 18.98 -12.60 5.83
CA THR A 355 18.94 -13.86 6.56
C THR A 355 17.49 -14.33 6.69
N ALA A 356 17.34 -15.64 6.86
CA ALA A 356 16.03 -16.24 7.13
C ALA A 356 16.18 -17.31 8.21
N ARG A 357 15.11 -17.48 8.97
CA ARG A 357 15.13 -18.15 10.26
C ARG A 357 13.81 -18.91 10.41
N PRO A 358 13.77 -19.94 11.27
CA PRO A 358 12.43 -20.44 11.61
C PRO A 358 11.63 -19.40 12.41
N PRO A 359 10.30 -19.37 12.24
CA PRO A 359 9.46 -20.30 11.48
C PRO A 359 9.26 -19.93 10.00
N ALA A 360 9.97 -18.92 9.51
CA ALA A 360 9.90 -18.55 8.10
C ALA A 360 10.50 -19.67 7.24
N THR A 361 11.60 -20.24 7.71
CA THR A 361 12.19 -21.45 7.11
C THR A 361 11.72 -22.66 7.93
N PRO A 362 11.95 -23.88 7.42
CA PRO A 362 11.59 -25.06 8.22
C PRO A 362 12.52 -25.22 9.42
N ALA A 363 12.04 -25.87 10.48
CA ALA A 363 12.81 -26.09 11.70
C ALA A 363 14.23 -26.59 11.40
N GLY A 364 15.21 -26.03 12.09
CA GLY A 364 16.61 -26.45 11.96
C GLY A 364 17.33 -25.96 10.71
N MET A 365 16.74 -25.00 9.98
CA MET A 365 17.36 -24.49 8.76
C MET A 365 17.50 -22.96 8.84
N PHE A 366 18.73 -22.50 8.63
CA PHE A 366 19.03 -21.09 8.72
C PHE A 366 19.69 -20.66 7.43
N LEU A 367 19.19 -19.59 6.82
CA LEU A 367 19.66 -19.17 5.50
C LEU A 367 20.32 -17.82 5.50
N LEU A 368 21.34 -17.67 4.66
CA LEU A 368 21.77 -16.37 4.18
C LEU A 368 21.31 -16.29 2.74
N ARG A 369 20.59 -15.22 2.41
CA ARG A 369 20.02 -15.08 1.10
C ARG A 369 20.69 -13.95 0.33
N CYS A 370 21.30 -14.30 -0.80
CA CYS A 370 21.95 -13.35 -1.68
C CYS A 370 21.05 -13.06 -2.86
N SER A 371 20.96 -11.79 -3.24
CA SER A 371 20.20 -11.41 -4.41
C SER A 371 21.05 -10.51 -5.29
N LEU A 372 21.39 -11.00 -6.48
CA LEU A 372 22.29 -10.27 -7.37
C LEU A 372 21.57 -9.10 -8.03
N CYS A 373 22.39 -8.14 -8.45
CA CYS A 373 21.96 -6.94 -9.10
C CYS A 373 22.66 -6.92 -10.44
N ALA A 374 21.95 -6.50 -11.49
CA ALA A 374 22.57 -6.32 -12.80
C ALA A 374 23.77 -5.37 -12.76
N GLU A 375 23.80 -4.45 -11.79
CA GLU A 375 24.90 -3.48 -11.70
C GLU A 375 26.07 -3.93 -10.83
N HIS A 376 26.00 -5.10 -10.21
CA HIS A 376 27.20 -5.68 -9.62
C HIS A 376 28.20 -5.93 -10.76
N SER A 377 29.39 -5.35 -10.63
CA SER A 377 30.45 -5.56 -11.62
C SER A 377 31.08 -6.95 -11.45
N ASP A 378 31.74 -7.42 -12.49
CA ASP A 378 32.54 -8.65 -12.41
C ASP A 378 33.46 -8.61 -11.20
N GLU A 379 34.06 -7.45 -10.96
CA GLU A 379 35.05 -7.28 -9.88
C GLU A 379 34.39 -7.37 -8.51
N GLN A 380 33.19 -6.80 -8.37
CA GLN A 380 32.46 -6.90 -7.10
C GLN A 380 32.11 -8.34 -6.79
N VAL A 381 31.71 -9.11 -7.80
CA VAL A 381 31.35 -10.51 -7.58
C VAL A 381 32.57 -11.29 -7.07
N GLU A 382 33.74 -10.98 -7.60
CA GLU A 382 34.98 -11.57 -7.09
C GLU A 382 35.28 -11.15 -5.65
N GLN A 383 35.05 -9.87 -5.34
CA GLN A 383 35.22 -9.37 -3.96
C GLN A 383 34.25 -10.09 -3.02
N ILE A 384 33.01 -10.18 -3.45
CA ILE A 384 31.97 -10.86 -2.67
C ILE A 384 32.41 -12.28 -2.32
N LEU A 385 32.86 -13.02 -3.33
CA LEU A 385 33.35 -14.39 -3.11
C LEU A 385 34.53 -14.43 -2.14
N GLY A 386 35.42 -13.46 -2.25
CA GLY A 386 36.56 -13.34 -1.34
C GLY A 386 36.12 -13.10 0.10
N MET A 387 35.06 -12.31 0.26
CA MET A 387 34.51 -12.03 1.59
C MET A 387 33.84 -13.27 2.21
N PHE A 388 33.01 -13.96 1.42
CA PHE A 388 32.43 -15.24 1.84
C PHE A 388 33.51 -16.24 2.25
N GLU A 389 34.61 -16.28 1.49
CA GLU A 389 35.69 -17.21 1.79
C GLU A 389 36.36 -16.88 3.11
N SER A 390 36.70 -15.61 3.29
CA SER A 390 37.34 -15.16 4.51
C SER A 390 36.44 -15.41 5.72
N ALA A 391 35.22 -14.86 5.69
CA ALA A 391 34.30 -14.99 6.81
C ALA A 391 33.92 -16.44 7.07
N GLY A 392 33.75 -17.23 6.01
CA GLY A 392 33.40 -18.64 6.15
C GLY A 392 34.44 -19.44 6.91
N ARG A 393 35.71 -19.15 6.65
CA ARG A 393 36.81 -19.84 7.31
C ARG A 393 36.94 -19.40 8.76
N ALA A 394 36.77 -18.11 9.01
CA ALA A 394 36.80 -17.57 10.36
C ALA A 394 35.72 -18.17 11.26
N THR A 395 34.58 -18.54 10.68
CA THR A 395 33.45 -19.08 11.43
C THR A 395 33.31 -20.60 11.37
N GLY A 396 34.21 -21.26 10.64
CA GLY A 396 34.21 -22.72 10.56
C GLY A 396 33.10 -23.32 9.70
N VAL A 397 32.46 -22.51 8.87
CA VAL A 397 31.43 -23.02 7.95
C VAL A 397 32.06 -23.76 6.77
N ILE A 398 33.25 -23.34 6.36
CA ILE A 398 34.01 -24.00 5.29
C ILE A 398 35.46 -24.21 5.73
N PRO A 399 36.16 -25.19 5.12
CA PRO A 399 37.52 -25.49 5.58
C PRO A 399 38.50 -24.34 5.36
N ALA B 1 -19.28 -19.60 -17.53
CA ALA B 1 -19.22 -18.81 -16.28
C ALA B 1 -17.84 -18.98 -15.67
N ASP B 2 -17.29 -17.89 -15.13
CA ASP B 2 -16.00 -17.92 -14.45
C ASP B 2 -16.01 -16.99 -13.23
N LEU B 3 -14.84 -16.67 -12.69
CA LEU B 3 -14.79 -15.89 -11.46
C LEU B 3 -15.26 -14.44 -11.60
N LEU B 4 -15.32 -13.90 -12.82
CA LEU B 4 -15.80 -12.53 -13.03
C LEU B 4 -17.31 -12.47 -13.36
N SER B 5 -17.95 -13.62 -13.54
CA SER B 5 -19.38 -13.67 -13.85
C SER B 5 -20.26 -13.03 -12.77
N LYS B 6 -19.81 -13.12 -11.53
CA LYS B 6 -20.55 -12.54 -10.40
C LYS B 6 -20.69 -11.01 -10.50
N PHE B 7 -19.89 -10.39 -11.36
CA PHE B 7 -19.99 -8.95 -11.60
C PHE B 7 -20.86 -8.59 -12.80
N ASP B 8 -21.52 -9.58 -13.41
CA ASP B 8 -22.32 -9.33 -14.61
C ASP B 8 -23.47 -8.34 -14.39
N PRO B 9 -24.20 -8.45 -13.26
CA PRO B 9 -25.25 -7.46 -13.01
C PRO B 9 -24.70 -6.03 -12.92
N LEU B 10 -23.56 -5.86 -12.25
CA LEU B 10 -22.94 -4.54 -12.13
C LEU B 10 -22.50 -4.02 -13.50
N ILE B 11 -21.84 -4.87 -14.28
CA ILE B 11 -21.41 -4.49 -15.63
C ILE B 11 -22.62 -4.08 -16.48
N ALA B 12 -23.68 -4.88 -16.43
CA ALA B 12 -24.91 -4.57 -17.16
C ALA B 12 -25.55 -3.26 -16.69
N GLU B 13 -25.60 -3.07 -15.37
CA GLU B 13 -26.15 -1.85 -14.80
C GLU B 13 -25.34 -0.63 -15.25
N ARG B 14 -24.01 -0.80 -15.35
CA ARG B 14 -23.13 0.27 -15.76
C ARG B 14 -23.28 0.62 -17.24
N GLU B 15 -23.36 -0.39 -18.10
CA GLU B 15 -23.55 -0.19 -19.53
C GLU B 15 -24.88 0.52 -19.83
N ALA B 16 -25.91 0.23 -19.03
CA ALA B 16 -27.23 0.85 -19.20
C ALA B 16 -27.20 2.33 -18.80
N LEU B 17 -26.50 2.62 -17.70
CA LEU B 17 -26.30 4.01 -17.27
C LEU B 17 -25.51 4.79 -18.33
N LEU B 18 -24.42 4.19 -18.83
CA LEU B 18 -23.56 4.85 -19.81
C LEU B 18 -24.24 4.99 -21.18
N ALA B 19 -25.14 4.06 -21.50
CA ALA B 19 -25.88 4.10 -22.76
C ALA B 19 -26.70 5.38 -22.93
N THR B 20 -27.13 5.97 -21.81
CA THR B 20 -27.89 7.22 -21.86
C THR B 20 -27.03 8.45 -22.18
N GLY B 21 -25.71 8.28 -22.24
CA GLY B 21 -24.80 9.34 -22.64
C GLY B 21 -24.26 10.20 -21.50
N VAL B 22 -24.65 9.89 -20.26
CA VAL B 22 -24.19 10.64 -19.10
C VAL B 22 -22.70 10.48 -18.89
N ARG B 23 -22.09 11.52 -18.33
CA ARG B 23 -20.67 11.53 -18.05
C ARG B 23 -20.34 10.48 -16.97
N ASP B 24 -19.22 9.78 -17.14
CA ASP B 24 -18.83 8.68 -16.26
C ASP B 24 -17.96 9.17 -15.11
N PRO B 25 -18.45 9.06 -13.86
CA PRO B 25 -17.65 9.51 -12.71
C PRO B 25 -16.44 8.66 -12.41
N TYR B 26 -16.38 7.45 -12.99
CA TYR B 26 -15.22 6.56 -12.86
C TYR B 26 -14.21 6.72 -14.01
N ALA B 27 -14.39 7.74 -14.85
CA ALA B 27 -13.49 7.95 -15.98
C ALA B 27 -12.92 9.38 -16.00
N ILE B 28 -12.83 10.01 -14.83
CA ILE B 28 -12.23 11.34 -14.75
C ILE B 28 -10.71 11.19 -14.76
N VAL B 29 -10.05 11.87 -15.70
CA VAL B 29 -8.59 11.88 -15.76
C VAL B 29 -8.08 13.32 -15.69
N MET B 30 -7.18 13.59 -14.76
CA MET B 30 -6.53 14.88 -14.67
C MET B 30 -5.39 14.88 -15.69
N ASP B 31 -5.67 15.46 -16.85
CA ASP B 31 -4.70 15.47 -17.95
C ASP B 31 -3.50 16.34 -17.60
N LYS B 32 -3.78 17.46 -16.93
CA LYS B 32 -2.77 18.40 -16.46
C LYS B 32 -3.24 19.01 -15.15
N VAL B 33 -2.32 19.19 -14.22
CA VAL B 33 -2.65 19.82 -12.92
C VAL B 33 -1.89 21.12 -12.82
N LEU B 34 -2.62 22.23 -12.80
CA LEU B 34 -2.02 23.58 -12.84
C LEU B 34 -1.61 24.05 -11.44
N SER B 35 -2.37 23.65 -10.43
CA SER B 35 -2.13 24.07 -9.08
C SER B 35 -2.87 23.10 -8.17
N PRO B 36 -2.78 23.29 -6.85
CA PRO B 36 -3.59 22.46 -5.98
C PRO B 36 -5.10 22.60 -6.22
N THR B 37 -5.54 23.69 -6.84
CA THR B 37 -6.97 23.92 -7.01
C THR B 37 -7.50 23.87 -8.46
N GLU B 38 -6.64 23.56 -9.44
CA GLU B 38 -7.05 23.59 -10.84
C GLU B 38 -6.38 22.50 -11.67
N ALA B 39 -7.15 21.90 -12.58
CA ALA B 39 -6.67 20.85 -13.47
C ALA B 39 -7.41 20.92 -14.80
N MET B 40 -6.80 20.37 -15.84
CA MET B 40 -7.45 20.22 -17.13
C MET B 40 -8.10 18.82 -17.19
N ILE B 41 -9.41 18.79 -17.37
CA ILE B 41 -10.17 17.54 -17.51
C ILE B 41 -10.93 17.59 -18.84
N ASN B 42 -10.64 16.64 -19.72
CA ASN B 42 -11.30 16.56 -21.03
C ASN B 42 -11.23 17.89 -21.80
N GLY B 43 -10.09 18.56 -21.70
CA GLY B 43 -9.89 19.85 -22.36
C GLY B 43 -10.39 21.09 -21.64
N ARG B 44 -11.00 20.91 -20.46
CA ARG B 44 -11.61 22.04 -19.75
C ARG B 44 -10.90 22.35 -18.44
N LYS B 45 -10.61 23.64 -18.24
CA LYS B 45 -9.97 24.11 -17.03
C LYS B 45 -10.99 24.06 -15.91
N THR B 46 -10.64 23.35 -14.84
CA THR B 46 -11.61 22.93 -13.86
C THR B 46 -11.11 23.21 -12.45
N ILE B 47 -11.95 23.84 -11.64
CA ILE B 47 -11.62 24.03 -10.22
C ILE B 47 -11.84 22.71 -9.52
N LEU B 48 -10.83 22.26 -8.77
CA LEU B 48 -10.90 21.02 -8.03
C LEU B 48 -11.46 21.28 -6.63
N LEU B 49 -12.61 20.66 -6.36
CA LEU B 49 -13.27 20.74 -5.07
C LEU B 49 -13.60 19.32 -4.57
N GLY B 50 -12.86 18.34 -5.06
CA GLY B 50 -13.02 16.95 -4.65
C GLY B 50 -11.71 16.26 -4.41
N THR B 51 -10.76 16.97 -3.80
CA THR B 51 -9.49 16.37 -3.40
C THR B 51 -9.37 16.43 -1.89
N TYR B 52 -8.44 15.65 -1.34
CA TYR B 52 -8.13 15.70 0.08
C TYR B 52 -6.80 16.41 0.36
N ASN B 53 -6.46 17.35 -0.53
CA ASN B 53 -5.29 18.20 -0.42
C ASN B 53 -5.59 19.39 0.50
N TYR B 54 -5.99 19.08 1.73
CA TYR B 54 -6.56 20.07 2.61
C TYR B 54 -5.66 21.30 2.88
N MET B 55 -4.35 21.09 2.92
CA MET B 55 -3.41 22.14 3.29
C MET B 55 -2.57 22.59 2.10
N GLY B 56 -2.96 22.16 0.90
CA GLY B 56 -2.30 22.59 -0.33
C GLY B 56 -0.81 22.31 -0.38
N MET B 57 -0.38 21.17 0.16
CA MET B 57 1.04 20.85 0.26
C MET B 57 1.65 20.25 -0.99
N THR B 58 0.81 19.80 -1.93
CA THR B 58 1.29 19.07 -3.10
C THR B 58 2.23 19.85 -4.02
N PHE B 59 2.13 21.18 -4.01
CA PHE B 59 3.03 22.03 -4.80
C PHE B 59 3.89 22.95 -3.93
N ASP B 60 4.04 22.64 -2.65
CA ASP B 60 4.90 23.43 -1.80
C ASP B 60 6.34 23.33 -2.32
N PRO B 61 7.00 24.49 -2.53
CA PRO B 61 8.33 24.46 -3.15
C PRO B 61 9.38 23.70 -2.36
N ASP B 62 9.30 23.74 -1.02
CA ASP B 62 10.22 22.99 -0.16
C ASP B 62 9.96 21.48 -0.25
N VAL B 63 8.69 21.09 -0.27
CA VAL B 63 8.32 19.69 -0.42
C VAL B 63 8.87 19.14 -1.74
N ILE B 64 8.63 19.87 -2.83
CA ILE B 64 9.07 19.47 -4.14
C ILE B 64 10.61 19.39 -4.24
N ALA B 65 11.30 20.39 -3.69
CA ALA B 65 12.77 20.38 -3.66
C ALA B 65 13.31 19.18 -2.90
N ALA B 66 12.68 18.83 -1.79
CA ALA B 66 13.08 17.68 -0.98
C ALA B 66 12.94 16.38 -1.78
N GLY B 67 11.85 16.27 -2.54
CA GLY B 67 11.61 15.10 -3.38
C GLY B 67 12.67 14.92 -4.45
N LYS B 68 13.00 16.00 -5.13
CA LYS B 68 14.00 15.96 -6.19
C LYS B 68 15.37 15.57 -5.67
N GLN B 69 15.76 16.20 -4.56
CA GLN B 69 17.06 15.90 -3.94
C GLN B 69 17.15 14.44 -3.50
N ALA B 70 16.06 13.91 -2.95
CA ALA B 70 16.04 12.51 -2.50
C ALA B 70 16.24 11.57 -3.70
N LEU B 71 15.65 11.90 -4.85
CA LEU B 71 15.83 11.09 -6.05
C LEU B 71 17.32 11.03 -6.43
N ASP B 72 17.98 12.18 -6.42
CA ASP B 72 19.41 12.27 -6.71
C ASP B 72 20.25 11.49 -5.71
N GLU B 73 20.01 11.71 -4.42
CA GLU B 73 20.87 11.14 -3.37
C GLU B 73 20.61 9.65 -3.09
N PHE B 74 19.35 9.22 -3.18
CA PHE B 74 18.97 7.86 -2.74
C PHE B 74 18.29 6.99 -3.81
N GLY B 75 17.99 7.53 -4.98
CA GLY B 75 17.40 6.74 -6.07
C GLY B 75 15.87 6.67 -6.07
N SER B 76 15.32 5.92 -7.03
CA SER B 76 13.87 5.89 -7.22
C SER B 76 13.09 5.05 -6.20
N GLY B 77 13.80 4.19 -5.47
CA GLY B 77 13.16 3.25 -4.55
C GLY B 77 14.16 2.48 -3.72
N THR B 78 13.65 1.76 -2.72
CA THR B 78 14.51 1.05 -1.76
C THR B 78 14.74 -0.40 -2.15
N THR B 79 13.83 -0.97 -2.94
CA THR B 79 13.88 -2.37 -3.33
C THR B 79 13.99 -3.34 -2.14
N GLY B 80 13.30 -3.01 -1.05
CA GLY B 80 13.20 -3.94 0.08
C GLY B 80 12.27 -3.50 1.18
N SER B 81 11.91 -4.48 2.01
CA SER B 81 11.08 -4.27 3.19
C SER B 81 11.84 -3.49 4.27
N ARG B 82 11.09 -2.81 5.11
CA ARG B 82 11.66 -2.10 6.27
C ARG B 82 12.51 -3.02 7.16
N VAL B 83 12.12 -4.28 7.26
CA VAL B 83 12.76 -5.22 8.19
C VAL B 83 14.03 -5.88 7.62
N LEU B 84 14.27 -5.69 6.32
CA LEU B 84 15.49 -6.16 5.69
C LEU B 84 16.38 -4.95 5.31
N ASN B 85 16.43 -4.60 4.03
CA ASN B 85 17.34 -3.60 3.45
C ASN B 85 16.68 -2.25 3.14
N GLY B 86 15.41 -2.12 3.47
CA GLY B 86 14.61 -0.99 3.01
C GLY B 86 14.48 0.17 3.97
N THR B 87 15.18 0.13 5.10
CA THR B 87 15.15 1.25 6.04
C THR B 87 16.35 2.16 5.77
N TYR B 88 16.06 3.32 5.19
CA TYR B 88 17.07 4.33 4.87
C TYR B 88 16.98 5.42 5.92
N GLN B 89 17.95 6.32 5.95
CA GLN B 89 17.89 7.45 6.90
C GLN B 89 16.57 8.20 6.77
N GLY B 90 16.05 8.35 5.55
CA GLY B 90 14.79 9.06 5.32
C GLY B 90 13.58 8.44 6.02
N HIS B 91 13.55 7.12 6.12
CA HIS B 91 12.44 6.44 6.78
C HIS B 91 12.45 6.72 8.29
N LYS B 92 13.64 6.67 8.89
CA LYS B 92 13.78 6.98 10.31
C LYS B 92 13.48 8.46 10.58
N ALA B 93 13.95 9.35 9.70
CA ALA B 93 13.73 10.78 9.84
C ALA B 93 12.24 11.11 9.73
N CYS B 94 11.53 10.41 8.85
CA CYS B 94 10.10 10.60 8.68
C CYS B 94 9.33 10.16 9.93
N GLU B 95 9.74 9.05 10.52
CA GLU B 95 9.16 8.61 11.79
C GLU B 95 9.48 9.60 12.91
N ASP B 96 10.67 10.19 12.90
CA ASP B 96 10.98 11.24 13.88
C ASP B 96 10.10 12.47 13.70
N ALA B 97 9.82 12.84 12.44
CA ALA B 97 8.92 13.97 12.15
C ALA B 97 7.53 13.72 12.72
N LEU B 98 7.04 12.50 12.57
CA LEU B 98 5.75 12.10 13.15
C LEU B 98 5.76 12.13 14.67
N LYS B 99 6.83 11.64 15.30
CA LYS B 99 6.94 11.68 16.75
C LYS B 99 6.87 13.11 17.26
N GLU B 100 7.55 14.02 16.56
CA GLU B 100 7.51 15.43 16.93
C GLU B 100 6.14 16.05 16.68
N PHE B 101 5.52 15.74 15.54
CA PHE B 101 4.20 16.29 15.18
C PHE B 101 3.13 15.90 16.20
N TYR B 102 3.14 14.62 16.59
CA TYR B 102 2.13 14.07 17.49
C TYR B 102 2.53 14.05 18.96
N GLY B 103 3.80 14.32 19.24
CA GLY B 103 4.31 14.31 20.61
C GLY B 103 4.29 12.92 21.22
N THR B 104 4.61 11.91 20.40
CA THR B 104 4.57 10.53 20.86
C THR B 104 5.99 9.93 20.90
N GLU B 105 6.14 8.85 21.68
CA GLU B 105 7.44 8.18 21.81
C GLU B 105 7.72 7.29 20.59
N HIS B 106 6.68 6.88 19.87
CA HIS B 106 6.83 5.97 18.74
C HIS B 106 6.03 6.39 17.52
N ALA B 107 6.55 6.02 16.36
CA ALA B 107 5.86 6.21 15.09
C ALA B 107 6.30 5.12 14.12
N ILE B 108 5.33 4.40 13.58
CA ILE B 108 5.56 3.37 12.57
C ILE B 108 4.92 3.83 11.29
N VAL B 109 5.73 4.00 10.24
CA VAL B 109 5.24 4.35 8.92
C VAL B 109 4.96 3.08 8.11
N PHE B 110 3.79 3.06 7.48
CA PHE B 110 3.36 2.03 6.55
C PHE B 110 3.41 2.60 5.12
N SER B 111 3.36 1.71 4.14
CA SER B 111 3.39 2.13 2.74
C SER B 111 2.09 2.75 2.22
N THR B 112 0.98 2.53 2.92
CA THR B 112 -0.29 3.22 2.69
C THR B 112 -1.08 3.34 3.98
N GLY B 113 -1.97 4.33 4.05
CA GLY B 113 -2.95 4.43 5.13
C GLY B 113 -3.84 3.19 5.20
N TYR B 114 -4.22 2.66 4.03
CA TYR B 114 -4.99 1.43 3.96
C TYR B 114 -4.28 0.31 4.74
N GLN B 115 -2.99 0.13 4.47
CA GLN B 115 -2.20 -0.89 5.15
C GLN B 115 -2.01 -0.62 6.64
N ALA B 116 -1.93 0.65 7.02
CA ALA B 116 -1.81 1.02 8.42
C ALA B 116 -3.04 0.55 9.21
N ASN B 117 -4.23 0.84 8.70
CA ASN B 117 -5.47 0.35 9.35
C ASN B 117 -5.58 -1.17 9.28
N LEU B 118 -5.36 -1.73 8.09
CA LEU B 118 -5.44 -3.16 7.87
C LEU B 118 -4.51 -3.89 8.85
N GLY B 119 -3.27 -3.43 8.91
CA GLY B 119 -2.25 -4.03 9.77
C GLY B 119 -2.49 -3.83 11.26
N MET B 120 -2.74 -2.60 11.69
CA MET B 120 -2.94 -2.33 13.12
C MET B 120 -4.11 -3.13 13.67
N ILE B 121 -5.24 -3.10 12.95
CA ILE B 121 -6.48 -3.70 13.43
C ILE B 121 -6.40 -5.22 13.38
N SER B 122 -5.81 -5.77 12.32
CA SER B 122 -5.72 -7.22 12.18
C SER B 122 -4.64 -7.83 13.09
N THR B 123 -3.74 -7.00 13.60
CA THR B 123 -2.66 -7.47 14.45
C THR B 123 -2.97 -7.29 15.94
N LEU B 124 -3.62 -6.19 16.30
CA LEU B 124 -3.92 -5.91 17.71
C LEU B 124 -4.96 -6.86 18.28
N ALA B 125 -6.01 -7.13 17.51
CA ALA B 125 -7.15 -7.92 18.00
C ALA B 125 -7.11 -9.30 17.35
N GLY B 126 -7.02 -10.34 18.18
CA GLY B 126 -6.97 -11.73 17.69
C GLY B 126 -8.17 -12.54 18.15
N LYS B 127 -8.01 -13.86 18.13
CA LYS B 127 -9.07 -14.77 18.56
C LYS B 127 -9.46 -14.48 20.00
N GLY B 128 -10.76 -14.30 20.23
CA GLY B 128 -11.28 -14.01 21.57
C GLY B 128 -11.30 -12.53 21.91
N ASP B 129 -10.73 -11.69 21.05
CA ASP B 129 -10.81 -10.25 21.25
C ASP B 129 -12.02 -9.72 20.48
N TYR B 130 -12.38 -8.47 20.78
CA TYR B 130 -13.49 -7.79 20.13
C TYR B 130 -13.02 -6.49 19.50
N ILE B 131 -13.50 -6.19 18.30
CA ILE B 131 -13.31 -4.89 17.69
C ILE B 131 -14.68 -4.21 17.67
N ILE B 132 -14.75 -3.02 18.26
CA ILE B 132 -15.99 -2.27 18.37
C ILE B 132 -15.82 -1.03 17.52
N LEU B 133 -16.66 -0.87 16.51
CA LEU B 133 -16.50 0.21 15.54
C LEU B 133 -17.83 0.80 15.11
N ASP B 134 -17.78 2.05 14.65
CA ASP B 134 -18.94 2.72 14.09
C ASP B 134 -19.40 1.96 12.87
N ALA B 135 -20.72 1.78 12.75
CA ALA B 135 -21.31 1.10 11.59
C ALA B 135 -20.80 1.65 10.26
N ASP B 136 -20.51 2.95 10.22
CA ASP B 136 -20.14 3.64 8.99
C ASP B 136 -18.63 3.89 8.89
N SER B 137 -17.84 3.08 9.59
CA SER B 137 -16.39 3.15 9.53
C SER B 137 -15.85 2.98 8.10
N HIS B 138 -14.71 3.62 7.85
CA HIS B 138 -14.00 3.50 6.56
C HIS B 138 -13.73 2.03 6.18
N ALA B 139 -13.74 1.75 4.87
CA ALA B 139 -13.58 0.41 4.35
C ALA B 139 -12.31 -0.28 4.82
N SER B 140 -11.23 0.50 4.99
CA SER B 140 -9.94 -0.03 5.43
C SER B 140 -9.98 -0.54 6.87
N ILE B 141 -10.81 0.10 7.68
CA ILE B 141 -11.02 -0.36 9.05
C ILE B 141 -11.80 -1.69 9.02
N TYR B 142 -12.86 -1.75 8.22
CA TYR B 142 -13.59 -2.99 8.01
C TYR B 142 -12.72 -4.12 7.48
N ASP B 143 -11.84 -3.79 6.54
CA ASP B 143 -10.96 -4.80 5.95
C ASP B 143 -9.99 -5.33 7.01
N GLY B 144 -9.53 -4.45 7.91
CA GLY B 144 -8.77 -4.85 9.08
C GLY B 144 -9.53 -5.87 9.90
N CYS B 145 -10.80 -5.59 10.16
CA CYS B 145 -11.67 -6.51 10.91
C CYS B 145 -11.83 -7.85 10.21
N TRP B 146 -12.08 -7.79 8.91
CA TRP B 146 -12.32 -9.00 8.13
C TRP B 146 -11.07 -9.86 7.93
N LEU B 147 -9.90 -9.22 7.88
CA LEU B 147 -8.64 -9.96 7.78
C LEU B 147 -8.34 -10.69 9.08
N GLY B 148 -8.59 -10.02 10.20
CA GLY B 148 -8.32 -10.59 11.51
C GLY B 148 -9.37 -11.61 11.93
N ASP B 149 -9.20 -12.15 13.14
CA ASP B 149 -10.05 -13.22 13.66
C ASP B 149 -10.81 -12.84 14.93
N ALA B 150 -11.00 -11.54 15.14
CA ALA B 150 -11.70 -11.05 16.32
C ALA B 150 -13.22 -11.07 16.11
N GLU B 151 -13.95 -10.92 17.20
CA GLU B 151 -15.40 -10.73 17.14
C GLU B 151 -15.66 -9.26 16.80
N ILE B 152 -16.59 -9.00 15.89
CA ILE B 152 -16.87 -7.63 15.44
C ILE B 152 -18.17 -7.12 16.04
N VAL B 153 -18.12 -5.89 16.57
CA VAL B 153 -19.27 -5.26 17.20
C VAL B 153 -19.50 -3.87 16.58
N ARG B 154 -20.55 -3.75 15.77
CA ARG B 154 -20.93 -2.48 15.16
C ARG B 154 -21.86 -1.71 16.07
N PHE B 155 -21.54 -0.45 16.35
CA PHE B 155 -22.48 0.41 17.04
C PHE B 155 -23.09 1.44 16.10
N ARG B 156 -24.31 1.85 16.42
CA ARG B 156 -25.08 2.73 15.55
C ARG B 156 -24.30 4.02 15.31
N HIS B 157 -24.35 4.51 14.08
CA HIS B 157 -23.51 5.62 13.69
C HIS B 157 -23.62 6.81 14.64
N ASN B 158 -22.49 7.21 15.21
CA ASN B 158 -22.42 8.42 16.01
C ASN B 158 -23.19 8.37 17.34
N SER B 159 -23.45 7.18 17.85
CA SER B 159 -24.25 7.05 19.07
C SER B 159 -23.38 6.62 20.25
N VAL B 160 -23.07 7.60 21.11
CA VAL B 160 -22.34 7.35 22.35
C VAL B 160 -23.13 6.33 23.21
N GLU B 161 -24.44 6.50 23.23
CA GLU B 161 -25.34 5.67 24.01
C GLU B 161 -25.27 4.22 23.55
N ASP B 162 -25.28 4.00 22.25
CA ASP B 162 -25.23 2.64 21.71
C ASP B 162 -23.86 2.00 21.91
N LEU B 163 -22.79 2.77 21.74
CA LEU B 163 -21.43 2.29 22.04
C LEU B 163 -21.34 1.76 23.47
N ASP B 164 -21.80 2.57 24.42
CA ASP B 164 -21.79 2.24 25.84
C ASP B 164 -22.58 0.96 26.10
N LYS B 165 -23.80 0.92 25.54
CA LYS B 165 -24.67 -0.25 25.65
C LYS B 165 -24.01 -1.53 25.12
N ARG B 166 -23.42 -1.44 23.92
CA ARG B 166 -22.80 -2.59 23.28
C ARG B 166 -21.56 -3.06 24.04
N LEU B 167 -20.73 -2.13 24.50
CA LEU B 167 -19.50 -2.50 25.24
C LEU B 167 -19.84 -3.24 26.52
N GLY B 168 -20.93 -2.82 27.19
CA GLY B 168 -21.33 -3.38 28.48
C GLY B 168 -21.75 -4.85 28.42
N ARG B 169 -22.20 -5.31 27.27
CA ARG B 169 -22.59 -6.72 27.11
C ARG B 169 -21.40 -7.64 26.84
N LEU B 170 -20.25 -7.09 26.47
CA LEU B 170 -19.12 -7.93 26.11
C LEU B 170 -18.51 -8.59 27.35
N PRO B 171 -17.91 -9.79 27.18
CA PRO B 171 -17.27 -10.48 28.30
C PRO B 171 -16.18 -9.62 28.94
N ALA B 172 -16.14 -9.66 30.27
CA ALA B 172 -15.28 -8.80 31.07
C ALA B 172 -13.80 -8.90 30.70
N GLU B 173 -13.34 -10.13 30.45
CA GLU B 173 -11.90 -10.39 30.34
C GLU B 173 -11.41 -10.40 28.89
N ALA B 174 -12.32 -10.35 27.91
CA ALA B 174 -11.91 -10.33 26.51
C ALA B 174 -11.22 -9.01 26.20
N GLY B 175 -10.21 -9.07 25.34
CA GLY B 175 -9.54 -7.86 24.87
C GLY B 175 -10.51 -7.09 24.00
N LYS B 176 -10.49 -5.77 24.10
CA LYS B 176 -11.42 -4.92 23.38
C LYS B 176 -10.66 -3.75 22.74
N LEU B 177 -10.88 -3.58 21.44
CA LEU B 177 -10.33 -2.47 20.68
C LEU B 177 -11.49 -1.67 20.11
N VAL B 178 -11.64 -0.44 20.59
CA VAL B 178 -12.59 0.50 20.01
C VAL B 178 -11.85 1.28 18.94
N VAL B 179 -12.38 1.25 17.71
CA VAL B 179 -11.80 1.98 16.59
C VAL B 179 -12.77 3.11 16.24
N LEU B 180 -12.26 4.34 16.28
CA LEU B 180 -13.05 5.55 16.02
C LEU B 180 -12.36 6.38 14.95
N GLU B 181 -13.13 7.20 14.27
CA GLU B 181 -12.60 8.19 13.35
C GLU B 181 -12.93 9.57 13.90
N GLY B 182 -12.02 10.53 13.71
CA GLY B 182 -12.23 11.89 14.19
C GLY B 182 -13.29 12.59 13.39
N VAL B 183 -13.17 12.52 12.07
CA VAL B 183 -14.11 13.09 11.12
C VAL B 183 -14.72 11.97 10.31
N TYR B 184 -16.04 11.93 10.21
CA TYR B 184 -16.72 10.96 9.37
C TYR B 184 -16.74 11.54 7.95
N SER B 185 -16.03 10.90 7.02
CA SER B 185 -15.80 11.49 5.70
C SER B 185 -17.03 11.61 4.78
N MET B 186 -18.05 10.77 4.97
CA MET B 186 -19.23 10.79 4.08
CA MET B 186 -19.19 10.81 4.04
C MET B 186 -19.93 12.15 4.14
N MET B 187 -20.30 12.56 5.35
CA MET B 187 -20.99 13.85 5.57
C MET B 187 -20.09 14.97 6.10
N GLY B 188 -18.88 14.63 6.50
CA GLY B 188 -17.93 15.61 7.04
C GLY B 188 -18.24 16.11 8.45
N ASP B 189 -18.97 15.31 9.22
CA ASP B 189 -19.26 15.65 10.62
C ASP B 189 -18.22 15.02 11.52
N ILE B 190 -18.07 15.52 12.73
CA ILE B 190 -17.05 15.01 13.63
C ILE B 190 -17.64 14.13 14.71
N ALA B 191 -16.82 13.21 15.22
CA ALA B 191 -17.25 12.27 16.24
C ALA B 191 -17.14 12.94 17.61
N PRO B 192 -18.03 12.58 18.56
CA PRO B 192 -17.91 13.09 19.91
C PRO B 192 -16.88 12.28 20.70
N LEU B 193 -15.60 12.48 20.37
CA LEU B 193 -14.54 11.65 20.90
C LEU B 193 -14.34 11.78 22.41
N GLN B 194 -14.60 12.96 22.99
CA GLN B 194 -14.48 13.11 24.44
C GLN B 194 -15.39 12.11 25.16
N GLU B 195 -16.65 12.08 24.74
CA GLU B 195 -17.65 11.18 25.32
CA GLU B 195 -17.63 11.17 25.34
C GLU B 195 -17.33 9.72 24.99
N MET B 196 -16.96 9.46 23.74
CA MET B 196 -16.72 8.08 23.29
C MET B 196 -15.47 7.47 23.90
N VAL B 197 -14.42 8.27 24.04
CA VAL B 197 -13.20 7.81 24.68
C VAL B 197 -13.46 7.50 26.17
N ALA B 198 -14.22 8.36 26.85
CA ALA B 198 -14.53 8.15 28.27
C ALA B 198 -15.34 6.87 28.45
N VAL B 199 -16.33 6.65 27.59
CA VAL B 199 -17.12 5.43 27.62
C VAL B 199 -16.22 4.21 27.37
N SER B 200 -15.31 4.33 26.41
CA SER B 200 -14.40 3.24 26.06
C SER B 200 -13.44 2.88 27.20
N LYS B 201 -12.85 3.90 27.84
CA LYS B 201 -11.94 3.65 28.97
C LYS B 201 -12.67 3.07 30.18
N LYS B 202 -13.91 3.49 30.40
CA LYS B 202 -14.73 2.95 31.50
C LYS B 202 -14.93 1.43 31.38
N HIS B 203 -14.96 0.92 30.15
CA HIS B 203 -15.11 -0.52 29.91
C HIS B 203 -13.77 -1.24 29.72
N GLY B 204 -12.67 -0.52 29.87
CA GLY B 204 -11.34 -1.11 29.79
C GLY B 204 -10.87 -1.43 28.39
N ALA B 205 -11.43 -0.74 27.39
CA ALA B 205 -11.04 -0.94 26.00
C ALA B 205 -9.78 -0.17 25.68
N MET B 206 -8.97 -0.70 24.77
CA MET B 206 -7.93 0.11 24.14
C MET B 206 -8.58 0.87 23.00
N ILE B 207 -8.04 2.03 22.66
CA ILE B 207 -8.66 2.93 21.71
C ILE B 207 -7.69 3.28 20.58
N LEU B 208 -8.15 3.06 19.35
CA LEU B 208 -7.44 3.47 18.16
C LEU B 208 -8.32 4.50 17.44
N VAL B 209 -7.75 5.68 17.17
CA VAL B 209 -8.47 6.73 16.42
C VAL B 209 -7.79 7.02 15.10
N ASP B 210 -8.58 7.07 14.03
CA ASP B 210 -8.11 7.51 12.72
C ASP B 210 -8.24 9.00 12.59
N GLU B 211 -7.13 9.67 12.31
CA GLU B 211 -7.12 11.11 12.15
C GLU B 211 -6.58 11.49 10.79
N ALA B 212 -7.14 10.85 9.76
CA ALA B 212 -6.74 11.09 8.38
C ALA B 212 -7.32 12.41 7.85
N HIS B 213 -8.49 12.81 8.36
CA HIS B 213 -9.25 13.94 7.82
C HIS B 213 -9.25 15.22 8.67
N GLY B 214 -8.33 15.32 9.61
CA GLY B 214 -8.17 16.55 10.36
C GLY B 214 -6.75 17.02 10.58
N MET B 215 -5.79 16.39 9.89
CA MET B 215 -4.38 16.65 10.13
C MET B 215 -3.94 18.04 9.70
N GLY B 216 -3.46 18.82 10.66
CA GLY B 216 -3.05 20.20 10.39
C GLY B 216 -4.10 21.22 10.72
N PHE B 217 -5.34 20.81 11.00
CA PHE B 217 -6.39 21.78 11.23
C PHE B 217 -7.42 21.50 12.34
N PHE B 218 -7.13 20.54 13.20
CA PHE B 218 -7.85 20.37 14.46
C PHE B 218 -6.82 20.22 15.57
N GLY B 219 -7.10 20.77 16.74
CA GLY B 219 -6.21 20.64 17.90
C GLY B 219 -5.12 21.72 17.92
N GLU B 220 -4.60 21.99 19.11
CA GLU B 220 -3.60 23.04 19.30
C GLU B 220 -2.41 22.86 18.34
N HIS B 221 -1.94 21.63 18.20
CA HIS B 221 -0.81 21.33 17.31
C HIS B 221 -1.23 20.72 15.95
N GLY B 222 -2.53 20.70 15.66
CA GLY B 222 -3.02 20.12 14.40
C GLY B 222 -3.04 18.60 14.36
N ARG B 223 -3.09 17.96 15.52
CA ARG B 223 -2.97 16.50 15.58
C ARG B 223 -4.27 15.79 15.25
N GLY B 224 -5.40 16.49 15.35
CA GLY B 224 -6.69 15.92 14.95
C GLY B 224 -7.80 16.22 15.93
N VAL B 225 -8.97 15.66 15.65
CA VAL B 225 -10.16 15.87 16.47
C VAL B 225 -9.92 15.38 17.91
N PHE B 226 -9.16 14.30 18.06
CA PHE B 226 -8.88 13.77 19.40
C PHE B 226 -8.10 14.76 20.26
N GLU B 227 -7.18 15.53 19.66
CA GLU B 227 -6.47 16.56 20.40
C GLU B 227 -7.42 17.71 20.73
N GLU B 228 -8.20 18.14 19.74
CA GLU B 228 -9.22 19.18 19.95
C GLU B 228 -10.18 18.77 21.09
N ALA B 229 -10.55 17.49 21.12
CA ALA B 229 -11.48 16.96 22.12
C ALA B 229 -10.85 16.78 23.51
N GLY B 230 -9.53 16.94 23.60
CA GLY B 230 -8.85 16.90 24.89
C GLY B 230 -8.61 15.51 25.45
N VAL B 231 -8.59 14.48 24.60
CA VAL B 231 -8.48 13.10 25.06
C VAL B 231 -7.18 12.42 24.60
N GLU B 232 -6.19 13.24 24.27
CA GLU B 232 -4.90 12.77 23.82
C GLU B 232 -4.28 11.73 24.76
N ALA B 233 -4.37 11.97 26.07
CA ALA B 233 -3.76 11.08 27.06
C ALA B 233 -4.47 9.72 27.19
N ASP B 234 -5.71 9.61 26.68
CA ASP B 234 -6.50 8.38 26.80
C ASP B 234 -6.60 7.55 25.52
N VAL B 235 -6.02 8.05 24.42
CA VAL B 235 -6.00 7.31 23.17
C VAL B 235 -4.69 6.54 23.05
N ASP B 236 -4.80 5.23 22.82
CA ASP B 236 -3.62 4.37 22.80
C ASP B 236 -2.88 4.45 21.47
N PHE B 237 -3.64 4.52 20.38
CA PHE B 237 -3.06 4.50 19.03
C PHE B 237 -3.76 5.51 18.14
N VAL B 238 -3.00 6.26 17.36
CA VAL B 238 -3.56 7.14 16.35
C VAL B 238 -3.04 6.72 14.99
N VAL B 239 -3.94 6.38 14.09
CA VAL B 239 -3.56 6.07 12.71
C VAL B 239 -3.83 7.27 11.81
N GLY B 240 -2.96 7.47 10.84
CA GLY B 240 -3.16 8.49 9.81
C GLY B 240 -2.56 8.11 8.48
N THR B 241 -2.58 9.09 7.56
CA THR B 241 -2.12 8.90 6.20
C THR B 241 -1.17 10.04 5.78
N PHE B 242 -0.36 9.76 4.77
CA PHE B 242 0.44 10.75 4.10
C PHE B 242 -0.24 11.25 2.82
N SER B 243 -1.40 10.70 2.49
CA SER B 243 -1.98 10.97 1.17
C SER B 243 -3.00 12.11 1.14
N LYS B 244 -3.27 12.72 2.29
CA LYS B 244 -4.23 13.82 2.33
C LYS B 244 -3.51 15.12 2.65
N SER B 245 -3.62 15.64 3.87
CA SER B 245 -2.93 16.88 4.25
C SER B 245 -1.45 16.87 3.88
N VAL B 246 -0.77 15.74 4.10
CA VAL B 246 0.67 15.64 3.84
C VAL B 246 0.99 15.72 2.33
N GLY B 247 0.10 15.19 1.49
CA GLY B 247 0.20 15.39 0.04
C GLY B 247 1.11 14.45 -0.72
N THR B 248 1.33 13.24 -0.18
CA THR B 248 2.12 12.25 -0.89
CA THR B 248 2.15 12.26 -0.83
C THR B 248 1.42 10.89 -0.84
N VAL B 249 2.07 9.86 -0.32
CA VAL B 249 1.47 8.54 -0.20
C VAL B 249 2.11 7.88 1.02
N GLY B 250 1.37 7.02 1.70
CA GLY B 250 1.87 6.37 2.91
C GLY B 250 0.86 6.36 4.03
N GLY B 251 1.15 5.59 5.07
CA GLY B 251 0.35 5.58 6.28
C GLY B 251 1.23 5.58 7.51
N PHE B 252 0.60 5.69 8.68
CA PHE B 252 1.35 5.59 9.93
C PHE B 252 0.45 5.30 11.10
N CYS B 253 1.09 4.86 12.17
CA CYS B 253 0.44 4.79 13.47
C CYS B 253 1.40 5.31 14.52
N VAL B 254 0.92 6.20 15.39
CA VAL B 254 1.73 6.74 16.47
C VAL B 254 1.14 6.32 17.81
N SER B 255 2.00 6.23 18.82
CA SER B 255 1.63 5.69 20.11
C SER B 255 2.73 5.95 21.13
N ASN B 256 2.32 6.00 22.40
CA ASN B 256 3.26 6.00 23.52
C ASN B 256 3.39 4.63 24.19
N HIS B 257 2.70 3.61 23.68
CA HIS B 257 2.73 2.30 24.33
C HIS B 257 4.19 1.79 24.35
N PRO B 258 4.68 1.33 25.51
CA PRO B 258 6.10 0.95 25.58
C PRO B 258 6.48 -0.30 24.77
N LYS B 259 5.50 -1.12 24.37
CA LYS B 259 5.78 -2.32 23.57
C LYS B 259 5.52 -2.12 22.07
N PHE B 260 5.28 -0.88 21.65
CA PHE B 260 4.78 -0.57 20.32
C PHE B 260 5.69 -1.02 19.18
N GLU B 261 7.00 -0.90 19.37
CA GLU B 261 7.97 -1.20 18.31
C GLU B 261 7.95 -2.68 17.91
N VAL B 262 7.44 -3.55 18.79
CA VAL B 262 7.34 -4.97 18.47
C VAL B 262 6.49 -5.21 17.22
N LEU B 263 5.59 -4.28 16.90
CA LEU B 263 4.73 -4.44 15.74
C LEU B 263 5.51 -4.50 14.42
N ARG B 264 6.71 -3.90 14.39
CA ARG B 264 7.54 -3.97 13.20
C ARG B 264 7.93 -5.40 12.86
N LEU B 265 7.97 -6.27 13.87
CA LEU B 265 8.35 -7.66 13.68
C LEU B 265 7.17 -8.55 13.27
N VAL B 266 5.95 -8.18 13.65
CA VAL B 266 4.79 -9.07 13.50
C VAL B 266 3.66 -8.56 12.59
N CYS B 267 3.64 -7.26 12.31
CA CYS B 267 2.52 -6.69 11.57
C CYS B 267 2.72 -6.97 10.08
N ARG B 268 1.91 -7.87 9.53
CA ARG B 268 2.17 -8.41 8.19
C ARG B 268 2.10 -7.38 7.05
N PRO B 269 1.16 -6.41 7.12
CA PRO B 269 1.16 -5.36 6.09
C PRO B 269 2.29 -4.33 6.21
N TYR B 270 3.07 -4.42 7.28
CA TYR B 270 4.31 -3.68 7.41
C TYR B 270 5.50 -4.52 6.92
N VAL B 271 5.55 -5.77 7.36
CA VAL B 271 6.69 -6.64 7.08
C VAL B 271 6.78 -7.04 5.61
N PHE B 272 5.64 -7.40 5.01
CA PHE B 272 5.65 -8.06 3.71
C PHE B 272 5.32 -7.15 2.55
N THR B 273 5.92 -5.96 2.56
CA THR B 273 5.77 -4.97 1.49
C THR B 273 7.04 -4.12 1.47
N ALA B 274 7.38 -3.56 0.32
CA ALA B 274 8.57 -2.69 0.25
C ALA B 274 8.35 -1.40 1.01
N SER B 275 9.43 -0.84 1.56
CA SER B 275 9.36 0.48 2.16
C SER B 275 9.15 1.52 1.05
N LEU B 276 8.72 2.71 1.45
CA LEU B 276 8.42 3.78 0.51
C LEU B 276 9.67 4.32 -0.16
N PRO B 277 9.52 4.87 -1.37
CA PRO B 277 10.67 5.47 -2.03
C PRO B 277 11.27 6.63 -1.24
N PRO B 278 12.59 6.84 -1.34
CA PRO B 278 13.23 7.96 -0.68
C PRO B 278 12.55 9.30 -0.96
N SER B 279 12.12 9.54 -2.19
CA SER B 279 11.42 10.79 -2.55
C SER B 279 10.11 10.96 -1.76
N VAL B 280 9.42 9.85 -1.51
CA VAL B 280 8.17 9.89 -0.76
C VAL B 280 8.40 10.21 0.73
N VAL B 281 9.39 9.57 1.36
CA VAL B 281 9.63 9.86 2.78
C VAL B 281 10.27 11.22 2.97
N ALA B 282 10.99 11.72 1.96
CA ALA B 282 11.58 13.06 2.01
C ALA B 282 10.48 14.12 1.89
N THR B 283 9.60 13.97 0.90
CA THR B 283 8.50 14.92 0.73
C THR B 283 7.56 14.85 1.92
N ALA B 284 7.25 13.64 2.41
CA ALA B 284 6.38 13.49 3.58
C ALA B 284 6.97 14.18 4.80
N ALA B 285 8.26 13.94 5.07
CA ALA B 285 8.90 14.50 6.26
C ALA B 285 8.90 16.03 6.21
N THR B 286 9.20 16.58 5.03
CA THR B 286 9.26 18.03 4.85
C THR B 286 7.87 18.62 5.01
N SER B 287 6.87 17.95 4.45
CA SER B 287 5.49 18.43 4.53
C SER B 287 5.00 18.40 5.98
N ILE B 288 5.27 17.29 6.67
CA ILE B 288 4.87 17.13 8.06
C ILE B 288 5.45 18.22 8.94
N ARG B 289 6.73 18.50 8.77
CA ARG B 289 7.38 19.56 9.55
C ARG B 289 6.80 20.95 9.28
N LYS B 290 6.50 21.27 8.02
CA LYS B 290 5.83 22.53 7.71
C LYS B 290 4.40 22.59 8.27
N LEU B 291 3.69 21.46 8.29
CA LEU B 291 2.32 21.42 8.83
C LEU B 291 2.28 21.77 10.33
N MET B 292 3.38 21.57 11.03
CA MET B 292 3.48 21.98 12.44
C MET B 292 3.30 23.47 12.64
N HIS B 293 3.61 24.28 11.63
CA HIS B 293 3.59 25.73 11.75
C HIS B 293 2.71 26.41 10.71
N ALA B 294 1.76 25.66 10.13
CA ALA B 294 0.97 26.17 9.01
C ALA B 294 -0.33 26.86 9.47
N GLY B 295 -0.19 27.78 10.42
CA GLY B 295 -1.32 28.52 10.97
C GLY B 295 -2.12 29.30 9.93
N ASP B 296 -1.41 29.90 8.97
CA ASP B 296 -2.04 30.69 7.90
C ASP B 296 -2.92 29.80 7.01
N LYS B 297 -2.37 28.69 6.53
CA LYS B 297 -3.16 27.72 5.74
C LYS B 297 -4.36 27.20 6.52
N ARG B 298 -4.14 26.83 7.78
CA ARG B 298 -5.22 26.31 8.63
C ARG B 298 -6.38 27.30 8.76
N ALA B 299 -6.05 28.54 9.08
CA ALA B 299 -7.05 29.60 9.22
C ALA B 299 -7.81 29.83 7.92
N HIS B 300 -7.12 29.81 6.80
CA HIS B 300 -7.78 30.02 5.51
C HIS B 300 -8.62 28.81 5.11
N LEU B 301 -8.19 27.60 5.45
CA LEU B 301 -9.00 26.39 5.21
C LEU B 301 -10.34 26.52 5.91
N TRP B 302 -10.33 26.91 7.18
CA TRP B 302 -11.57 27.03 7.95
C TRP B 302 -12.47 28.13 7.41
N LYS B 303 -11.87 29.27 7.06
CA LYS B 303 -12.60 30.36 6.41
C LYS B 303 -13.32 29.89 5.14
N ASN B 304 -12.59 29.18 4.29
CA ASN B 304 -13.15 28.61 3.07
C ASN B 304 -14.33 27.69 3.36
N SER B 305 -14.15 26.78 4.31
CA SER B 305 -15.17 25.78 4.61
C SER B 305 -16.44 26.43 5.13
N ARG B 306 -16.27 27.38 6.05
CA ARG B 306 -17.40 28.10 6.63
C ARG B 306 -18.13 28.96 5.62
N ARG B 307 -17.39 29.60 4.71
CA ARG B 307 -18.00 30.40 3.66
C ARG B 307 -18.80 29.51 2.71
N LEU B 308 -18.18 28.44 2.22
CA LEU B 308 -18.89 27.55 1.30
C LEU B 308 -20.14 26.94 1.93
N HIS B 309 -20.01 26.51 3.19
CA HIS B 309 -21.12 25.88 3.91
C HIS B 309 -22.29 26.85 4.08
N GLN B 310 -21.97 28.05 4.56
CA GLN B 310 -22.97 29.08 4.75
C GLN B 310 -23.60 29.48 3.42
N GLY B 311 -22.77 29.68 2.39
CA GLY B 311 -23.27 30.06 1.07
C GLY B 311 -24.20 29.04 0.44
N LEU B 312 -23.82 27.75 0.51
CA LEU B 312 -24.65 26.70 -0.05
C LEU B 312 -26.00 26.60 0.67
N ARG B 313 -26.00 26.65 2.00
CA ARG B 313 -27.26 26.55 2.73
C ARG B 313 -28.15 27.78 2.51
N ASP B 314 -27.51 28.95 2.43
CA ASP B 314 -28.24 30.20 2.22
C ASP B 314 -28.99 30.29 0.89
N MET B 315 -28.46 29.66 -0.16
CA MET B 315 -29.14 29.66 -1.46
C MET B 315 -30.12 28.50 -1.65
N GLY B 316 -30.24 27.61 -0.67
CA GLY B 316 -31.30 26.59 -0.67
C GLY B 316 -30.86 25.12 -0.65
N TYR B 317 -29.56 24.86 -0.68
CA TYR B 317 -29.06 23.48 -0.61
C TYR B 317 -29.20 22.89 0.79
N LYS B 318 -29.49 21.59 0.85
CA LYS B 318 -29.55 20.88 2.10
C LYS B 318 -28.24 20.15 2.30
N LEU B 319 -27.62 20.39 3.44
CA LEU B 319 -26.27 19.90 3.73
C LEU B 319 -26.27 18.84 4.82
N GLY B 320 -25.24 18.00 4.83
CA GLY B 320 -25.11 16.92 5.80
C GLY B 320 -24.87 17.38 7.22
N THR B 321 -24.51 18.65 7.40
CA THR B 321 -24.25 19.24 8.71
C THR B 321 -24.90 20.61 8.79
N GLU B 322 -25.38 20.98 9.98
CA GLU B 322 -25.96 22.30 10.21
C GLU B 322 -24.91 23.42 10.21
N THR B 323 -23.68 23.08 10.58
CA THR B 323 -22.55 24.01 10.53
C THR B 323 -21.34 23.32 9.93
N ALA B 324 -20.35 24.10 9.48
CA ALA B 324 -19.12 23.52 8.95
C ALA B 324 -18.34 22.88 10.09
N GLN B 325 -18.35 21.54 10.14
CA GLN B 325 -17.68 20.80 11.22
C GLN B 325 -16.30 20.32 10.80
N SER B 326 -16.01 20.40 9.50
CA SER B 326 -14.73 19.99 8.98
C SER B 326 -14.56 20.65 7.62
N ALA B 327 -13.55 20.22 6.87
CA ALA B 327 -13.32 20.71 5.52
C ALA B 327 -14.14 19.98 4.45
N ILE B 328 -14.98 19.03 4.87
CA ILE B 328 -15.86 18.32 3.95
C ILE B 328 -17.29 18.82 4.07
N ILE B 329 -17.92 19.10 2.94
CA ILE B 329 -19.31 19.53 2.93
C ILE B 329 -20.10 18.64 1.99
N ALA B 330 -21.15 18.02 2.51
CA ALA B 330 -21.99 17.09 1.73
C ALA B 330 -23.30 17.76 1.37
N VAL B 331 -23.62 17.81 0.08
CA VAL B 331 -24.90 18.29 -0.40
C VAL B 331 -25.81 17.10 -0.63
N ILE B 332 -26.99 17.14 0.00
CA ILE B 332 -27.93 16.02 -0.03
C ILE B 332 -28.97 16.24 -1.12
N LEU B 333 -29.13 15.23 -1.97
CA LEU B 333 -30.13 15.22 -3.03
C LEU B 333 -30.98 13.96 -2.90
N THR B 334 -32.21 14.03 -3.40
CA THR B 334 -33.19 12.96 -3.22
C THR B 334 -33.54 12.23 -4.51
N ASP B 335 -33.00 12.71 -5.63
CA ASP B 335 -33.30 12.10 -6.93
C ASP B 335 -31.99 11.83 -7.68
N MET B 336 -31.82 10.59 -8.15
CA MET B 336 -30.58 10.19 -8.82
C MET B 336 -30.36 11.02 -10.08
N ALA B 337 -31.42 11.18 -10.88
CA ALA B 337 -31.33 11.96 -12.12
C ALA B 337 -30.89 13.39 -11.85
N GLN B 338 -31.43 13.97 -10.80
CA GLN B 338 -31.08 15.33 -10.39
C GLN B 338 -29.65 15.40 -9.90
N ALA B 339 -29.23 14.40 -9.13
CA ALA B 339 -27.86 14.32 -8.66
C ALA B 339 -26.85 14.23 -9.82
N VAL B 340 -27.15 13.42 -10.84
CA VAL B 340 -26.23 13.30 -11.97
C VAL B 340 -26.25 14.57 -12.82
N ALA B 341 -27.43 15.15 -13.05
CA ALA B 341 -27.53 16.39 -13.83
C ALA B 341 -26.75 17.53 -13.16
N LEU B 342 -26.83 17.65 -11.84
CA LEU B 342 -26.12 18.70 -11.12
C LEU B 342 -24.60 18.47 -11.17
N TRP B 343 -24.17 17.24 -10.88
CA TRP B 343 -22.75 16.90 -10.92
C TRP B 343 -22.17 17.16 -12.31
N GLN B 344 -22.85 16.66 -13.33
CA GLN B 344 -22.40 16.84 -14.71
C GLN B 344 -22.42 18.31 -15.10
N GLY B 345 -23.49 19.02 -14.72
CA GLY B 345 -23.60 20.45 -14.97
C GLY B 345 -22.46 21.23 -14.33
N LEU B 346 -22.13 20.91 -13.09
CA LEU B 346 -20.98 21.54 -12.44
C LEU B 346 -19.69 21.25 -13.20
N LEU B 347 -19.50 19.98 -13.58
CA LEU B 347 -18.28 19.56 -14.26
C LEU B 347 -18.11 20.32 -15.58
N GLU B 348 -19.19 20.39 -16.34
CA GLU B 348 -19.18 21.08 -17.63
C GLU B 348 -19.00 22.59 -17.48
N ALA B 349 -19.40 23.14 -16.33
CA ALA B 349 -19.17 24.56 -16.03
C ALA B 349 -17.76 24.83 -15.47
N GLY B 350 -16.99 23.78 -15.19
CA GLY B 350 -15.62 23.92 -14.71
C GLY B 350 -15.44 23.72 -13.21
N LEU B 351 -16.28 22.88 -12.60
CA LEU B 351 -16.12 22.54 -11.19
C LEU B 351 -16.21 21.04 -10.99
N TYR B 352 -15.18 20.46 -10.36
CA TYR B 352 -15.17 19.04 -10.02
C TYR B 352 -15.48 18.83 -8.54
N VAL B 353 -16.51 18.05 -8.26
CA VAL B 353 -16.80 17.56 -6.91
C VAL B 353 -16.97 16.03 -6.96
N ASN B 354 -16.86 15.41 -5.79
CA ASN B 354 -17.08 13.98 -5.67
C ASN B 354 -18.57 13.68 -5.46
N THR B 355 -18.98 12.45 -5.76
CA THR B 355 -20.35 12.02 -5.55
C THR B 355 -20.39 10.73 -4.73
N ALA B 356 -21.52 10.50 -4.08
CA ALA B 356 -21.77 9.24 -3.35
C ALA B 356 -23.20 8.79 -3.60
N ARG B 357 -23.40 7.48 -3.55
CA ARG B 357 -24.57 6.80 -4.10
C ARG B 357 -24.90 5.60 -3.20
N PRO B 358 -26.16 5.12 -3.22
CA PRO B 358 -26.37 3.81 -2.60
C PRO B 358 -25.63 2.70 -3.37
N PRO B 359 -25.16 1.65 -2.67
CA PRO B 359 -25.36 1.36 -1.25
C PRO B 359 -24.30 1.96 -0.32
N ALA B 360 -23.42 2.81 -0.84
CA ALA B 360 -22.44 3.49 0.00
C ALA B 360 -23.13 4.45 0.96
N THR B 361 -24.13 5.16 0.44
CA THR B 361 -25.01 5.99 1.26
C THR B 361 -26.28 5.19 1.55
N PRO B 362 -27.13 5.65 2.48
CA PRO B 362 -28.39 4.94 2.72
C PRO B 362 -29.35 5.10 1.55
N ALA B 363 -30.24 4.11 1.38
CA ALA B 363 -31.23 4.12 0.29
C ALA B 363 -31.91 5.48 0.15
N GLY B 364 -32.04 5.94 -1.10
CA GLY B 364 -32.73 7.20 -1.39
C GLY B 364 -31.94 8.47 -1.10
N MET B 365 -30.65 8.35 -0.85
CA MET B 365 -29.80 9.52 -0.57
C MET B 365 -28.61 9.58 -1.52
N PHE B 366 -28.49 10.72 -2.19
CA PHE B 366 -27.43 10.93 -3.17
C PHE B 366 -26.67 12.19 -2.78
N LEU B 367 -25.35 12.08 -2.71
CA LEU B 367 -24.52 13.17 -2.21
C LEU B 367 -23.58 13.75 -3.27
N LEU B 368 -23.39 15.06 -3.21
CA LEU B 368 -22.21 15.69 -3.81
C LEU B 368 -21.33 16.07 -2.64
N ARG B 369 -20.07 15.66 -2.67
CA ARG B 369 -19.17 15.90 -1.56
C ARG B 369 -18.07 16.90 -1.97
N CYS B 370 -18.03 18.02 -1.26
CA CYS B 370 -17.04 19.07 -1.47
C CYS B 370 -15.98 19.00 -0.41
N SER B 371 -14.72 19.15 -0.81
CA SER B 371 -13.62 19.18 0.15
C SER B 371 -12.73 20.38 -0.14
N LEU B 372 -12.68 21.31 0.81
CA LEU B 372 -11.92 22.55 0.63
C LEU B 372 -10.44 22.35 0.75
N CYS B 373 -9.71 23.28 0.14
CA CYS B 373 -8.28 23.30 0.13
C CYS B 373 -7.88 24.64 0.73
N ALA B 374 -6.83 24.63 1.54
CA ALA B 374 -6.26 25.87 2.06
C ALA B 374 -5.89 26.86 0.95
N GLU B 375 -5.58 26.35 -0.24
CA GLU B 375 -5.15 27.22 -1.35
C GLU B 375 -6.28 27.72 -2.23
N HIS B 376 -7.52 27.30 -1.98
CA HIS B 376 -8.67 27.97 -2.61
C HIS B 376 -8.66 29.42 -2.17
N SER B 377 -8.62 30.34 -3.13
CA SER B 377 -8.67 31.77 -2.81
C SER B 377 -10.09 32.19 -2.44
N ASP B 378 -10.21 33.31 -1.75
CA ASP B 378 -11.51 33.90 -1.46
C ASP B 378 -12.34 34.02 -2.74
N GLU B 379 -11.68 34.38 -3.84
CA GLU B 379 -12.36 34.61 -5.11
C GLU B 379 -12.86 33.30 -5.72
N GLN B 380 -12.07 32.24 -5.61
CA GLN B 380 -12.50 30.92 -6.10
C GLN B 380 -13.73 30.44 -5.35
N VAL B 381 -13.78 30.67 -4.04
CA VAL B 381 -14.92 30.23 -3.23
C VAL B 381 -16.19 30.95 -3.69
N GLU B 382 -16.06 32.23 -4.02
CA GLU B 382 -17.18 32.97 -4.60
C GLU B 382 -17.59 32.43 -5.97
N GLN B 383 -16.61 32.09 -6.82
CA GLN B 383 -16.89 31.47 -8.12
C GLN B 383 -17.60 30.14 -7.95
N ILE B 384 -17.08 29.33 -7.03
CA ILE B 384 -17.68 28.02 -6.73
C ILE B 384 -19.15 28.17 -6.38
N LEU B 385 -19.45 29.09 -5.47
CA LEU B 385 -20.83 29.37 -5.07
C LEU B 385 -21.69 29.82 -6.26
N GLY B 386 -21.11 30.63 -7.12
CA GLY B 386 -21.79 31.10 -8.33
C GLY B 386 -22.12 29.95 -9.26
N MET B 387 -21.21 28.97 -9.35
CA MET B 387 -21.42 27.79 -10.19
C MET B 387 -22.52 26.90 -9.62
N PHE B 388 -22.47 26.61 -8.32
CA PHE B 388 -23.54 25.88 -7.64
C PHE B 388 -24.90 26.56 -7.83
N GLU B 389 -24.92 27.89 -7.76
CA GLU B 389 -26.16 28.64 -7.95
C GLU B 389 -26.71 28.48 -9.35
N SER B 390 -25.85 28.67 -10.34
CA SER B 390 -26.25 28.56 -11.73
C SER B 390 -26.74 27.14 -12.04
N ALA B 391 -25.89 26.15 -11.78
CA ALA B 391 -26.22 24.76 -12.08
C ALA B 391 -27.44 24.28 -11.28
N GLY B 392 -27.54 24.71 -10.03
CA GLY B 392 -28.67 24.34 -9.17
C GLY B 392 -30.01 24.80 -9.71
N ARG B 393 -30.04 26.00 -10.26
CA ARG B 393 -31.27 26.56 -10.84
C ARG B 393 -31.62 25.87 -12.15
N ALA B 394 -30.61 25.63 -12.97
CA ALA B 394 -30.79 24.92 -14.23
C ALA B 394 -31.38 23.51 -14.04
N THR B 395 -31.06 22.88 -12.91
CA THR B 395 -31.49 21.51 -12.63
C THR B 395 -32.69 21.41 -11.68
N GLY B 396 -33.18 22.55 -11.21
CA GLY B 396 -34.35 22.59 -10.34
C GLY B 396 -34.12 22.13 -8.92
N VAL B 397 -32.86 22.05 -8.48
CA VAL B 397 -32.54 21.68 -7.10
C VAL B 397 -32.81 22.84 -6.14
N ILE B 398 -32.63 24.07 -6.62
CA ILE B 398 -32.90 25.28 -5.84
C ILE B 398 -33.74 26.25 -6.68
N PRO B 399 -34.48 27.16 -6.01
CA PRO B 399 -35.36 28.07 -6.77
C PRO B 399 -34.61 29.02 -7.70
N1 PLP C . 3.88 -10.86 -3.52
C2 PLP C . 5.05 -11.48 -3.89
C2A PLP C . 4.98 -12.87 -4.42
C3 PLP C . 6.26 -10.80 -3.75
O3 PLP C . 7.31 -11.36 -4.09
C4 PLP C . 6.29 -9.49 -3.24
C4A PLP C . 7.58 -8.72 -3.11
C5 PLP C . 5.08 -8.88 -2.87
C6 PLP C . 3.88 -9.57 -3.01
C5A PLP C . 5.01 -7.49 -2.33
O4P PLP C . 5.30 -6.39 -3.21
P PLP C . 5.34 -4.90 -2.66
O1P PLP C . 5.15 -4.11 -3.91
O2P PLP C . 6.70 -4.74 -2.08
O3P PLP C . 4.24 -4.78 -1.66
N1 PLP D . -8.56 5.20 6.66
C2 PLP D . -9.25 6.39 6.74
C2A PLP D . -10.14 6.64 7.91
C3 PLP D . -9.09 7.32 5.72
O3 PLP D . -9.72 8.37 5.80
C4 PLP D . -8.25 7.06 4.64
C4A PLP D . -8.08 8.06 3.51
C5 PLP D . -7.57 5.85 4.58
C6 PLP D . -7.72 4.93 5.61
C5A PLP D . -6.66 5.49 3.46
O4P PLP D . -5.43 6.21 3.31
P PLP D . -4.46 5.93 2.09
O1P PLP D . -3.16 6.46 2.62
O2P PLP D . -5.01 6.74 0.97
O3P PLP D . -4.48 4.46 1.84
#